data_1AL9
# 
_entry.id   1AL9 
# 
_audit_conform.dict_name       mmcif_pdbx.dic 
_audit_conform.dict_version    5.392 
_audit_conform.dict_location   http://mmcif.pdb.org/dictionaries/ascii/mmcif_pdbx.dic 
# 
loop_
_database_2.database_id 
_database_2.database_code 
_database_2.pdbx_database_accession 
_database_2.pdbx_DOI 
PDB   1AL9         pdb_00001al9 10.2210/pdb1al9/pdb 
WWPDB D_1000170956 ?            ?                   
# 
loop_
_pdbx_audit_revision_history.ordinal 
_pdbx_audit_revision_history.data_content_type 
_pdbx_audit_revision_history.major_revision 
_pdbx_audit_revision_history.minor_revision 
_pdbx_audit_revision_history.revision_date 
1 'Structure model' 1 0 1997-09-17 
2 'Structure model' 1 1 2008-03-24 
3 'Structure model' 1 2 2011-07-13 
4 'Structure model' 1 3 2022-02-16 
5 'Structure model' 1 4 2024-05-22 
# 
_pdbx_audit_revision_details.ordinal             1 
_pdbx_audit_revision_details.revision_ordinal    1 
_pdbx_audit_revision_details.data_content_type   'Structure model' 
_pdbx_audit_revision_details.provider            repository 
_pdbx_audit_revision_details.type                'Initial release' 
_pdbx_audit_revision_details.description         ? 
_pdbx_audit_revision_details.details             ? 
# 
loop_
_pdbx_audit_revision_group.ordinal 
_pdbx_audit_revision_group.revision_ordinal 
_pdbx_audit_revision_group.data_content_type 
_pdbx_audit_revision_group.group 
1 2 'Structure model' 'Version format compliance' 
2 3 'Structure model' 'Version format compliance' 
3 4 'Structure model' 'Database references'       
4 4 'Structure model' 'Derived calculations'      
5 4 'Structure model' Other                       
6 5 'Structure model' 'Data collection'           
# 
loop_
_pdbx_audit_revision_category.ordinal 
_pdbx_audit_revision_category.revision_ordinal 
_pdbx_audit_revision_category.data_content_type 
_pdbx_audit_revision_category.category 
1 4 'Structure model' database_2            
2 4 'Structure model' pdbx_database_status  
3 4 'Structure model' pdbx_struct_assembly  
4 4 'Structure model' pdbx_struct_oper_list 
5 4 'Structure model' struct_site           
6 5 'Structure model' chem_comp_atom        
7 5 'Structure model' chem_comp_bond        
# 
loop_
_pdbx_audit_revision_item.ordinal 
_pdbx_audit_revision_item.revision_ordinal 
_pdbx_audit_revision_item.data_content_type 
_pdbx_audit_revision_item.item 
1 4 'Structure model' '_database_2.pdbx_DOI'                
2 4 'Structure model' '_database_2.pdbx_database_accession' 
3 4 'Structure model' '_pdbx_database_status.process_site'  
4 4 'Structure model' '_struct_site.pdbx_auth_asym_id'      
5 4 'Structure model' '_struct_site.pdbx_auth_comp_id'      
6 4 'Structure model' '_struct_site.pdbx_auth_seq_id'       
# 
_pdbx_database_status.status_code                     REL 
_pdbx_database_status.entry_id                        1AL9 
_pdbx_database_status.recvd_initial_deposition_date   1997-06-12 
_pdbx_database_status.deposit_site                    ? 
_pdbx_database_status.process_site                    BNL 
_pdbx_database_status.status_code_sf                  ? 
_pdbx_database_status.status_code_mr                  REL 
_pdbx_database_status.SG_entry                        ? 
_pdbx_database_status.pdb_format_compatible           Y 
_pdbx_database_status.status_code_cs                  ? 
_pdbx_database_status.status_code_nmr_data            ? 
_pdbx_database_status.methods_development_category    ? 
# 
_pdbx_database_related.db_name        PDB 
_pdbx_database_related.db_id          1AMD 
_pdbx_database_related.details        'MINIMIZED AVERAGE STRUCTURE' 
_pdbx_database_related.content_type   unspecified 
# 
loop_
_audit_author.name 
_audit_author.pdbx_ordinal 
'Robinson, H.'  1 
'Wang, A.H.-J.' 2 
# 
_citation.id                        primary 
_citation.title                     'Binding of two novel bisdaunorubicins to DNA studied by NMR spectroscopy.' 
_citation.journal_abbrev            Biochemistry 
_citation.journal_volume            36 
_citation.page_first                8663 
_citation.page_last                 8670 
_citation.year                      1997 
_citation.journal_id_ASTM           BICHAW 
_citation.country                   US 
_citation.journal_id_ISSN           0006-2960 
_citation.journal_id_CSD            0033 
_citation.book_publisher            ? 
_citation.pdbx_database_id_PubMed   9289011 
_citation.pdbx_database_id_DOI      10.1021/bi970842j 
# 
loop_
_citation_author.citation_id 
_citation_author.name 
_citation_author.ordinal 
_citation_author.identifier_ORCID 
primary 'Robinson, H.'  1 ? 
primary 'Priebe, W.'    2 ? 
primary 'Chaires, J.B.' 3 ? 
primary 'Wang, A.H.'    4 ? 
# 
loop_
_entity.id 
_entity.type 
_entity.src_method 
_entity.pdbx_description 
_entity.formula_weight 
_entity.pdbx_number_of_molecules 
_entity.pdbx_ec 
_entity.pdbx_mutation 
_entity.pdbx_fragment 
_entity.details 
1 polymer     syn 
;DNA (5'-D(*AP*CP*GP*TP*AP*CP*GP*T)-3')
;
2426.617 2 ? ? ? 'WP631 IS AN INTERCALATOR' 
2 non-polymer syn '4-METHYLBENZYL-N-BIS[DAUNOMYCIN]'       1159.189 1 ? ? ? ?                          
# 
_entity_poly.entity_id                      1 
_entity_poly.type                           polydeoxyribonucleotide 
_entity_poly.nstd_linkage                   no 
_entity_poly.nstd_monomer                   no 
_entity_poly.pdbx_seq_one_letter_code       '(DA)(DC)(DG)(DT)(DA)(DC)(DG)(DT)' 
_entity_poly.pdbx_seq_one_letter_code_can   ACGTACGT 
_entity_poly.pdbx_strand_id                 A,B 
_entity_poly.pdbx_target_identifier         ? 
# 
_pdbx_entity_nonpoly.entity_id   2 
_pdbx_entity_nonpoly.name        '4-METHYLBENZYL-N-BIS[DAUNOMYCIN]' 
_pdbx_entity_nonpoly.comp_id     BDA 
# 
loop_
_entity_poly_seq.entity_id 
_entity_poly_seq.num 
_entity_poly_seq.mon_id 
_entity_poly_seq.hetero 
1 1 DA n 
1 2 DC n 
1 3 DG n 
1 4 DT n 
1 5 DA n 
1 6 DC n 
1 7 DG n 
1 8 DT n 
# 
loop_
_chem_comp.id 
_chem_comp.type 
_chem_comp.mon_nstd_flag 
_chem_comp.name 
_chem_comp.pdbx_synonyms 
_chem_comp.formula 
_chem_comp.formula_weight 
BDA non-polymer   . '4-METHYLBENZYL-N-BIS[DAUNOMYCIN]'   WP631 'C62 H66 N2 O20 2' 1159.189 
DA  'DNA linking' y "2'-DEOXYADENOSINE-5'-MONOPHOSPHATE" ?     'C10 H14 N5 O6 P'  331.222  
DC  'DNA linking' y "2'-DEOXYCYTIDINE-5'-MONOPHOSPHATE"  ?     'C9 H14 N3 O7 P'   307.197  
DG  'DNA linking' y "2'-DEOXYGUANOSINE-5'-MONOPHOSPHATE" ?     'C10 H14 N5 O7 P'  347.221  
DT  'DNA linking' y "THYMIDINE-5'-MONOPHOSPHATE"         ?     'C10 H15 N2 O8 P'  322.208  
# 
loop_
_pdbx_poly_seq_scheme.asym_id 
_pdbx_poly_seq_scheme.entity_id 
_pdbx_poly_seq_scheme.seq_id 
_pdbx_poly_seq_scheme.mon_id 
_pdbx_poly_seq_scheme.ndb_seq_num 
_pdbx_poly_seq_scheme.pdb_seq_num 
_pdbx_poly_seq_scheme.auth_seq_num 
_pdbx_poly_seq_scheme.pdb_mon_id 
_pdbx_poly_seq_scheme.auth_mon_id 
_pdbx_poly_seq_scheme.pdb_strand_id 
_pdbx_poly_seq_scheme.pdb_ins_code 
_pdbx_poly_seq_scheme.hetero 
A 1 1 DA 1 1  1  DA A A . n 
A 1 2 DC 2 2  2  DC C A . n 
A 1 3 DG 3 3  3  DG G A . n 
A 1 4 DT 4 4  4  DT T A . n 
A 1 5 DA 5 5  5  DA A A . n 
A 1 6 DC 6 6  6  DC C A . n 
A 1 7 DG 7 7  7  DG G A . n 
A 1 8 DT 8 8  8  DT T A . n 
B 1 1 DA 1 9  9  DA A B . n 
B 1 2 DC 2 10 10 DC C B . n 
B 1 3 DG 3 11 11 DG G B . n 
B 1 4 DT 4 12 12 DT T B . n 
B 1 5 DA 5 13 13 DA A B . n 
B 1 6 DC 6 14 14 DC C B . n 
B 1 7 DG 7 15 15 DG G B . n 
B 1 8 DT 8 16 16 DT T B . n 
# 
_pdbx_nonpoly_scheme.asym_id         C 
_pdbx_nonpoly_scheme.entity_id       2 
_pdbx_nonpoly_scheme.mon_id          BDA 
_pdbx_nonpoly_scheme.ndb_seq_num     1 
_pdbx_nonpoly_scheme.pdb_seq_num     17 
_pdbx_nonpoly_scheme.auth_seq_num    17 
_pdbx_nonpoly_scheme.pdb_mon_id      BDA 
_pdbx_nonpoly_scheme.auth_mon_id     DM1 
_pdbx_nonpoly_scheme.pdb_strand_id   A 
_pdbx_nonpoly_scheme.pdb_ins_code    . 
# 
loop_
_software.name 
_software.classification 
_software.version 
_software.citation_id 
_software.pdbx_ordinal 
X-PLOR 'model building' . ? 1 
X-PLOR refinement       . ? 2 
X-PLOR phasing          . ? 3 
# 
_cell.entry_id           1AL9 
_cell.length_a           1.000 
_cell.length_b           1.000 
_cell.length_c           1.000 
_cell.angle_alpha        90.00 
_cell.angle_beta         90.00 
_cell.angle_gamma        90.00 
_cell.Z_PDB              1 
_cell.pdbx_unique_axis   ? 
# 
_symmetry.entry_id                         1AL9 
_symmetry.space_group_name_H-M             'P 1' 
_symmetry.pdbx_full_space_group_name_H-M   ? 
_symmetry.cell_setting                     ? 
_symmetry.Int_Tables_number                1 
# 
_exptl.entry_id          1AL9 
_exptl.method            'SOLUTION NMR' 
_exptl.crystals_number   ? 
# 
_struct.entry_id                  1AL9 
_struct.title                     
;NMR STUDY OF DNA (5'-D(*AP*CP*GP*TP*AP*CP*GP*T)-3') SELF-COMPLEMENTARY DUPLEX COMPLEXED WITH A BIS-DAUNORUBICIN, MINIMIZED AVERAGE STRUCTURE
;
_struct.pdbx_model_details        ? 
_struct.pdbx_CASP_flag            ? 
_struct.pdbx_model_type_details   ? 
# 
_struct_keywords.entry_id        1AL9 
_struct_keywords.pdbx_keywords   DNA 
_struct_keywords.text            'COMPLEX (DEOXYRIBONUCLEIC ACID-DRUG), BIS-INTERCALATOR, DAUNORUBICIN, DNA, DEOXYRIBONUCLEIC ACID' 
# 
loop_
_struct_asym.id 
_struct_asym.pdbx_blank_PDB_chainid_flag 
_struct_asym.pdbx_modified 
_struct_asym.entity_id 
_struct_asym.details 
A N N 1 ? 
B N N 1 ? 
C N N 2 ? 
# 
_struct_ref.id                         1 
_struct_ref.entity_id                  1 
_struct_ref.db_name                    PDB 
_struct_ref.db_code                    1AL9 
_struct_ref.pdbx_db_accession          1AL9 
_struct_ref.pdbx_db_isoform            ? 
_struct_ref.pdbx_seq_one_letter_code   ? 
_struct_ref.pdbx_align_begin           ? 
# 
loop_
_struct_ref_seq.align_id 
_struct_ref_seq.ref_id 
_struct_ref_seq.pdbx_PDB_id_code 
_struct_ref_seq.pdbx_strand_id 
_struct_ref_seq.seq_align_beg 
_struct_ref_seq.pdbx_seq_align_beg_ins_code 
_struct_ref_seq.seq_align_end 
_struct_ref_seq.pdbx_seq_align_end_ins_code 
_struct_ref_seq.pdbx_db_accession 
_struct_ref_seq.db_align_beg 
_struct_ref_seq.pdbx_db_align_beg_ins_code 
_struct_ref_seq.db_align_end 
_struct_ref_seq.pdbx_db_align_end_ins_code 
_struct_ref_seq.pdbx_auth_seq_align_beg 
_struct_ref_seq.pdbx_auth_seq_align_end 
1 1 1AL9 A 1 ? 8 ? 1AL9 1 ? 8  ? 1 8  
2 1 1AL9 B 1 ? 8 ? 1AL9 9 ? 16 ? 9 16 
# 
_pdbx_struct_assembly.id                   1 
_pdbx_struct_assembly.details              author_defined_assembly 
_pdbx_struct_assembly.method_details       ? 
_pdbx_struct_assembly.oligomeric_details   dimeric 
_pdbx_struct_assembly.oligomeric_count     2 
# 
_pdbx_struct_assembly_gen.assembly_id       1 
_pdbx_struct_assembly_gen.oper_expression   1 
_pdbx_struct_assembly_gen.asym_id_list      A,B,C 
# 
_pdbx_struct_oper_list.id                   1 
_pdbx_struct_oper_list.type                 'identity operation' 
_pdbx_struct_oper_list.name                 1_555 
_pdbx_struct_oper_list.symmetry_operation   x,y,z 
_pdbx_struct_oper_list.matrix[1][1]         1.0000000000 
_pdbx_struct_oper_list.matrix[1][2]         0.0000000000 
_pdbx_struct_oper_list.matrix[1][3]         0.0000000000 
_pdbx_struct_oper_list.vector[1]            0.0000000000 
_pdbx_struct_oper_list.matrix[2][1]         0.0000000000 
_pdbx_struct_oper_list.matrix[2][2]         1.0000000000 
_pdbx_struct_oper_list.matrix[2][3]         0.0000000000 
_pdbx_struct_oper_list.vector[2]            0.0000000000 
_pdbx_struct_oper_list.matrix[3][1]         0.0000000000 
_pdbx_struct_oper_list.matrix[3][2]         0.0000000000 
_pdbx_struct_oper_list.matrix[3][3]         1.0000000000 
_pdbx_struct_oper_list.vector[3]            0.0000000000 
# 
_struct_biol.id   1 
# 
loop_
_struct_conn.id 
_struct_conn.conn_type_id 
_struct_conn.pdbx_leaving_atom_flag 
_struct_conn.pdbx_PDB_id 
_struct_conn.ptnr1_label_asym_id 
_struct_conn.ptnr1_label_comp_id 
_struct_conn.ptnr1_label_seq_id 
_struct_conn.ptnr1_label_atom_id 
_struct_conn.pdbx_ptnr1_label_alt_id 
_struct_conn.pdbx_ptnr1_PDB_ins_code 
_struct_conn.pdbx_ptnr1_standard_comp_id 
_struct_conn.ptnr1_symmetry 
_struct_conn.ptnr2_label_asym_id 
_struct_conn.ptnr2_label_comp_id 
_struct_conn.ptnr2_label_seq_id 
_struct_conn.ptnr2_label_atom_id 
_struct_conn.pdbx_ptnr2_label_alt_id 
_struct_conn.pdbx_ptnr2_PDB_ins_code 
_struct_conn.ptnr1_auth_asym_id 
_struct_conn.ptnr1_auth_comp_id 
_struct_conn.ptnr1_auth_seq_id 
_struct_conn.ptnr2_auth_asym_id 
_struct_conn.ptnr2_auth_comp_id 
_struct_conn.ptnr2_auth_seq_id 
_struct_conn.ptnr2_symmetry 
_struct_conn.pdbx_ptnr3_label_atom_id 
_struct_conn.pdbx_ptnr3_label_seq_id 
_struct_conn.pdbx_ptnr3_label_comp_id 
_struct_conn.pdbx_ptnr3_label_asym_id 
_struct_conn.pdbx_ptnr3_label_alt_id 
_struct_conn.pdbx_ptnr3_PDB_ins_code 
_struct_conn.details 
_struct_conn.pdbx_dist_value 
_struct_conn.pdbx_value_order 
_struct_conn.pdbx_role 
hydrog1  hydrog ? ? A DA 1 N1 ? ? ? 1_555 B DT 8 N3 ? ? A DA 1 B DT 16 1_555 ? ? ? ? ? ? WATSON-CRICK ? ? ? 
hydrog2  hydrog ? ? A DA 1 N6 ? ? ? 1_555 B DT 8 O4 ? ? A DA 1 B DT 16 1_555 ? ? ? ? ? ? WATSON-CRICK ? ? ? 
hydrog3  hydrog ? ? A DC 2 N3 ? ? ? 1_555 B DG 7 N1 ? ? A DC 2 B DG 15 1_555 ? ? ? ? ? ? WATSON-CRICK ? ? ? 
hydrog4  hydrog ? ? A DC 2 N4 ? ? ? 1_555 B DG 7 O6 ? ? A DC 2 B DG 15 1_555 ? ? ? ? ? ? WATSON-CRICK ? ? ? 
hydrog5  hydrog ? ? A DC 2 O2 ? ? ? 1_555 B DG 7 N2 ? ? A DC 2 B DG 15 1_555 ? ? ? ? ? ? WATSON-CRICK ? ? ? 
hydrog6  hydrog ? ? A DG 3 N1 ? ? ? 1_555 B DC 6 N3 ? ? A DG 3 B DC 14 1_555 ? ? ? ? ? ? WATSON-CRICK ? ? ? 
hydrog7  hydrog ? ? A DG 3 N2 ? ? ? 1_555 B DC 6 O2 ? ? A DG 3 B DC 14 1_555 ? ? ? ? ? ? WATSON-CRICK ? ? ? 
hydrog8  hydrog ? ? A DG 3 O6 ? ? ? 1_555 B DC 6 N4 ? ? A DG 3 B DC 14 1_555 ? ? ? ? ? ? WATSON-CRICK ? ? ? 
hydrog9  hydrog ? ? A DT 4 N3 ? ? ? 1_555 B DA 5 N1 ? ? A DT 4 B DA 13 1_555 ? ? ? ? ? ? WATSON-CRICK ? ? ? 
hydrog10 hydrog ? ? A DT 4 O4 ? ? ? 1_555 B DA 5 N6 ? ? A DT 4 B DA 13 1_555 ? ? ? ? ? ? WATSON-CRICK ? ? ? 
hydrog11 hydrog ? ? A DA 5 N1 ? ? ? 1_555 B DT 4 N3 ? ? A DA 5 B DT 12 1_555 ? ? ? ? ? ? WATSON-CRICK ? ? ? 
hydrog12 hydrog ? ? A DA 5 N6 ? ? ? 1_555 B DT 4 O4 ? ? A DA 5 B DT 12 1_555 ? ? ? ? ? ? WATSON-CRICK ? ? ? 
hydrog13 hydrog ? ? A DC 6 N3 ? ? ? 1_555 B DG 3 N1 ? ? A DC 6 B DG 11 1_555 ? ? ? ? ? ? WATSON-CRICK ? ? ? 
hydrog14 hydrog ? ? A DC 6 N4 ? ? ? 1_555 B DG 3 O6 ? ? A DC 6 B DG 11 1_555 ? ? ? ? ? ? WATSON-CRICK ? ? ? 
hydrog15 hydrog ? ? A DC 6 O2 ? ? ? 1_555 B DG 3 N2 ? ? A DC 6 B DG 11 1_555 ? ? ? ? ? ? WATSON-CRICK ? ? ? 
hydrog16 hydrog ? ? A DG 7 N1 ? ? ? 1_555 B DC 2 N3 ? ? A DG 7 B DC 10 1_555 ? ? ? ? ? ? WATSON-CRICK ? ? ? 
hydrog17 hydrog ? ? A DG 7 N2 ? ? ? 1_555 B DC 2 O2 ? ? A DG 7 B DC 10 1_555 ? ? ? ? ? ? WATSON-CRICK ? ? ? 
hydrog18 hydrog ? ? A DG 7 O6 ? ? ? 1_555 B DC 2 N4 ? ? A DG 7 B DC 10 1_555 ? ? ? ? ? ? WATSON-CRICK ? ? ? 
hydrog19 hydrog ? ? A DT 8 N3 ? ? ? 1_555 B DA 1 N1 ? ? A DT 8 B DA 9  1_555 ? ? ? ? ? ? WATSON-CRICK ? ? ? 
hydrog20 hydrog ? ? A DT 8 O4 ? ? ? 1_555 B DA 1 N6 ? ? A DT 8 B DA 9  1_555 ? ? ? ? ? ? WATSON-CRICK ? ? ? 
# 
_struct_conn_type.id          hydrog 
_struct_conn_type.criteria    ? 
_struct_conn_type.reference   ? 
# 
_struct_site.id                   AC1 
_struct_site.pdbx_evidence_code   Software 
_struct_site.pdbx_auth_asym_id    A 
_struct_site.pdbx_auth_comp_id    BDA 
_struct_site.pdbx_auth_seq_id     17 
_struct_site.pdbx_auth_ins_code   ? 
_struct_site.pdbx_num_residues    12 
_struct_site.details              'BINDING SITE FOR RESIDUE BDA A 17' 
# 
loop_
_struct_site_gen.id 
_struct_site_gen.site_id 
_struct_site_gen.pdbx_num_res 
_struct_site_gen.label_comp_id 
_struct_site_gen.label_asym_id 
_struct_site_gen.label_seq_id 
_struct_site_gen.pdbx_auth_ins_code 
_struct_site_gen.auth_comp_id 
_struct_site_gen.auth_asym_id 
_struct_site_gen.auth_seq_id 
_struct_site_gen.label_atom_id 
_struct_site_gen.label_alt_id 
_struct_site_gen.symmetry 
_struct_site_gen.details 
1  AC1 12 DC A 2 ? DC A 2  . ? 1_555 ? 
2  AC1 12 DG A 3 ? DG A 3  . ? 1_555 ? 
3  AC1 12 DT A 4 ? DT A 4  . ? 1_555 ? 
4  AC1 12 DA A 5 ? DA A 5  . ? 1_555 ? 
5  AC1 12 DC A 6 ? DC A 6  . ? 1_555 ? 
6  AC1 12 DG A 7 ? DG A 7  . ? 1_555 ? 
7  AC1 12 DC B 2 ? DC B 10 . ? 1_555 ? 
8  AC1 12 DG B 3 ? DG B 11 . ? 1_555 ? 
9  AC1 12 DT B 4 ? DT B 12 . ? 1_555 ? 
10 AC1 12 DA B 5 ? DA B 13 . ? 1_555 ? 
11 AC1 12 DC B 6 ? DC B 14 . ? 1_555 ? 
12 AC1 12 DG B 7 ? DG B 15 . ? 1_555 ? 
# 
_pdbx_validate_rmsd_bond.id                        1 
_pdbx_validate_rmsd_bond.PDB_model_num             1 
_pdbx_validate_rmsd_bond.auth_atom_id_1            C5 
_pdbx_validate_rmsd_bond.auth_asym_id_1            B 
_pdbx_validate_rmsd_bond.auth_comp_id_1            DT 
_pdbx_validate_rmsd_bond.auth_seq_id_1             12 
_pdbx_validate_rmsd_bond.PDB_ins_code_1            ? 
_pdbx_validate_rmsd_bond.label_alt_id_1            ? 
_pdbx_validate_rmsd_bond.auth_atom_id_2            C7 
_pdbx_validate_rmsd_bond.auth_asym_id_2            B 
_pdbx_validate_rmsd_bond.auth_comp_id_2            DT 
_pdbx_validate_rmsd_bond.auth_seq_id_2             12 
_pdbx_validate_rmsd_bond.PDB_ins_code_2            ? 
_pdbx_validate_rmsd_bond.label_alt_id_2            ? 
_pdbx_validate_rmsd_bond.bond_value                1.533 
_pdbx_validate_rmsd_bond.bond_target_value         1.496 
_pdbx_validate_rmsd_bond.bond_deviation            0.037 
_pdbx_validate_rmsd_bond.bond_standard_deviation   0.006 
_pdbx_validate_rmsd_bond.linker_flag               N 
# 
loop_
_pdbx_validate_rmsd_angle.id 
_pdbx_validate_rmsd_angle.PDB_model_num 
_pdbx_validate_rmsd_angle.auth_atom_id_1 
_pdbx_validate_rmsd_angle.auth_asym_id_1 
_pdbx_validate_rmsd_angle.auth_comp_id_1 
_pdbx_validate_rmsd_angle.auth_seq_id_1 
_pdbx_validate_rmsd_angle.PDB_ins_code_1 
_pdbx_validate_rmsd_angle.label_alt_id_1 
_pdbx_validate_rmsd_angle.auth_atom_id_2 
_pdbx_validate_rmsd_angle.auth_asym_id_2 
_pdbx_validate_rmsd_angle.auth_comp_id_2 
_pdbx_validate_rmsd_angle.auth_seq_id_2 
_pdbx_validate_rmsd_angle.PDB_ins_code_2 
_pdbx_validate_rmsd_angle.label_alt_id_2 
_pdbx_validate_rmsd_angle.auth_atom_id_3 
_pdbx_validate_rmsd_angle.auth_asym_id_3 
_pdbx_validate_rmsd_angle.auth_comp_id_3 
_pdbx_validate_rmsd_angle.auth_seq_id_3 
_pdbx_validate_rmsd_angle.PDB_ins_code_3 
_pdbx_validate_rmsd_angle.label_alt_id_3 
_pdbx_validate_rmsd_angle.angle_value 
_pdbx_validate_rmsd_angle.angle_target_value 
_pdbx_validate_rmsd_angle.angle_deviation 
_pdbx_validate_rmsd_angle.angle_standard_deviation 
_pdbx_validate_rmsd_angle.linker_flag 
1  1 "O4'" A DA 1  ? ? "C4'" A DA 1  ? ? "C3'" A DA 1  ? ? 110.48 106.00 4.48  0.60 N 
2  1 "O4'" A DA 1  ? ? "C1'" A DA 1  ? ? N9    A DA 1  ? ? 102.98 108.00 -5.02 0.70 N 
3  1 "O4'" A DC 2  ? ? "C1'" A DC 2  ? ? "C2'" A DC 2  ? ? 100.75 105.90 -5.15 0.80 N 
4  1 "O4'" A DC 2  ? ? "C1'" A DC 2  ? ? N1    A DC 2  ? ? 113.10 108.30 4.80  0.30 N 
5  1 "O4'" A DG 3  ? ? "C4'" A DG 3  ? ? "C3'" A DG 3  ? ? 109.63 106.00 3.63  0.60 N 
6  1 C8    A DG 3  ? ? N9    A DG 3  ? ? C4    A DG 3  ? ? 103.89 106.40 -2.51 0.40 N 
7  1 "O4'" A DT 4  ? ? "C1'" A DT 4  ? ? N1    A DT 4  ? ? 112.64 108.30 4.34  0.30 N 
8  1 "C4'" A DA 5  ? ? "C3'" A DA 5  ? ? "C2'" A DA 5  ? ? 97.83  102.20 -4.37 0.70 N 
9  1 "O4'" A DA 5  ? ? "C1'" A DA 5  ? ? N9    A DA 5  ? ? 110.59 108.30 2.29  0.30 N 
10 1 "O4'" A DC 6  ? ? "C1'" A DC 6  ? ? N1    A DC 6  ? ? 110.93 108.30 2.63  0.30 N 
11 1 "O4'" A DG 7  ? ? "C4'" A DG 7  ? ? "C3'" A DG 7  ? ? 111.26 106.00 5.26  0.60 N 
12 1 C6    A DT 8  ? ? C5    A DT 8  ? ? C7    A DT 8  ? ? 117.65 122.90 -5.25 0.60 N 
13 1 "O4'" B DA 9  ? ? "C4'" B DA 9  ? ? "C3'" B DA 9  ? ? 110.52 106.00 4.52  0.60 N 
14 1 "O4'" B DA 9  ? ? "C1'" B DA 9  ? ? N9    B DA 9  ? ? 103.05 108.00 -4.95 0.70 N 
15 1 "O4'" B DC 10 ? ? "C1'" B DC 10 ? ? "C2'" B DC 10 ? ? 100.76 105.90 -5.14 0.80 N 
16 1 "O4'" B DC 10 ? ? "C1'" B DC 10 ? ? N1    B DC 10 ? ? 113.15 108.30 4.85  0.30 N 
17 1 "O4'" B DG 11 ? ? "C4'" B DG 11 ? ? "C3'" B DG 11 ? ? 109.72 106.00 3.72  0.60 N 
18 1 C8    B DG 11 ? ? N9    B DG 11 ? ? C4    B DG 11 ? ? 103.92 106.40 -2.48 0.40 N 
19 1 "O4'" B DT 12 ? ? "C1'" B DT 12 ? ? N1    B DT 12 ? ? 112.39 108.30 4.09  0.30 N 
20 1 "C4'" B DA 13 ? ? "C3'" B DA 13 ? ? "C2'" B DA 13 ? ? 97.76  102.20 -4.44 0.70 N 
21 1 "O4'" B DA 13 ? ? "C1'" B DA 13 ? ? N9    B DA 13 ? ? 110.61 108.30 2.31  0.30 N 
22 1 "O4'" B DC 14 ? ? "C1'" B DC 14 ? ? N1    B DC 14 ? ? 110.92 108.30 2.62  0.30 N 
23 1 "O4'" B DG 15 ? ? "C4'" B DG 15 ? ? "C3'" B DG 15 ? ? 110.85 106.00 4.85  0.60 N 
24 1 C6    B DT 16 ? ? C5    B DT 16 ? ? C7    B DT 16 ? ? 119.11 122.90 -3.79 0.60 N 
# 
loop_
_pdbx_validate_planes.id 
_pdbx_validate_planes.PDB_model_num 
_pdbx_validate_planes.auth_comp_id 
_pdbx_validate_planes.auth_asym_id 
_pdbx_validate_planes.auth_seq_id 
_pdbx_validate_planes.PDB_ins_code 
_pdbx_validate_planes.label_alt_id 
_pdbx_validate_planes.rmsd 
_pdbx_validate_planes.type 
1 1 DT A 4  ? ? 0.085 'SIDE CHAIN' 
2 1 DC A 6  ? ? 0.092 'SIDE CHAIN' 
3 1 DT B 12 ? ? 0.085 'SIDE CHAIN' 
4 1 DC B 14 ? ? 0.092 'SIDE CHAIN' 
# 
_pdbx_nmr_ensemble.entry_id                             1AL9 
_pdbx_nmr_ensemble.conformers_calculated_total_number   1 
_pdbx_nmr_ensemble.conformers_submitted_total_number    1 
_pdbx_nmr_ensemble.conformer_selection_criteria         'MINIMIZED AVERAGE' 
# 
_pdbx_nmr_exptl_sample_conditions.conditions_id       1 
_pdbx_nmr_exptl_sample_conditions.temperature         275 
_pdbx_nmr_exptl_sample_conditions.pressure            ? 
_pdbx_nmr_exptl_sample_conditions.pH                  7.0 
_pdbx_nmr_exptl_sample_conditions.ionic_strength      ? 
_pdbx_nmr_exptl_sample_conditions.pressure_units      . 
_pdbx_nmr_exptl_sample_conditions.temperature_units   K 
# 
loop_
_pdbx_nmr_exptl.experiment_id 
_pdbx_nmr_exptl.conditions_id 
_pdbx_nmr_exptl.type 
_pdbx_nmr_exptl.solution_id 
1 1 NOESY 1 
2 1 TOCSY 1 
# 
_pdbx_nmr_details.entry_id   1AL9 
_pdbx_nmr_details.text       'IONIC_STRENGTH: 20 MM PRESSURE: NULL SOLVENT SYSTEM: H2O' 
# 
_pdbx_nmr_refine.entry_id           1AL9 
_pdbx_nmr_refine.method             NOE-RMD 
_pdbx_nmr_refine.details            'REFINEMENT DETAILS CAN BE FOUND IN THE JRNL CITATION ABOVE.' 
_pdbx_nmr_refine.software_ordinal   1 
# 
loop_
_pdbx_nmr_software.classification 
_pdbx_nmr_software.name 
_pdbx_nmr_software.version 
_pdbx_nmr_software.authors 
_pdbx_nmr_software.ordinal 
refinement           X-PLOR  ? BRUNGER 1 
'structure solution' X-PLOR  ? ?       2 
'structure solution' SPEDREF ? ?       3 
# 
loop_
_chem_comp_atom.comp_id 
_chem_comp_atom.atom_id 
_chem_comp_atom.type_symbol 
_chem_comp_atom.pdbx_aromatic_flag 
_chem_comp_atom.pdbx_stereo_config 
_chem_comp_atom.pdbx_ordinal 
BDA C1     C Y N 1   
BDA C2     C Y N 2   
BDA C3     C Y N 3   
BDA C4     C Y N 4   
BDA O4     O N N 5   
BDA C5     C Y N 6   
BDA C6     C N N 7   
BDA O6     O N N 8   
BDA C7     C Y N 9   
BDA C8     C Y N 10  
BDA O8     O N N 11  
BDA C9     C Y N 12  
BDA C10    C N S 13  
BDA O10    O N N 14  
BDA C11    C N N 15  
BDA C12    C N S 16  
BDA O12    O N N 17  
BDA C13    C N N 18  
BDA O13    O N N 19  
BDA C14    C N N 20  
BDA C15    C N N 21  
BDA C16    C Y N 22  
BDA C17    C Y N 23  
BDA O17    O N N 24  
BDA C18    C Y N 25  
BDA C19    C N N 26  
BDA O19    O N N 27  
BDA C20    C Y N 28  
BDA C21    C N N 29  
BDA "C1'"  C N R 30  
BDA "C2'"  C N N 31  
BDA "C3'"  C N S 32  
BDA "N3'"  N N N 33  
BDA "C4'"  C N S 34  
BDA "O4'"  O N N 35  
BDA "C5'"  C N S 36  
BDA "O5'"  O N N 37  
BDA "C6'"  C N N 38  
BDA "C7'"  C N N 39  
BDA "C8'"  C Y N 40  
BDA C9A    C Y N 41  
BDA C9B    C Y N 42  
BDA C1B    C Y N 43  
BDA C2B    C Y N 44  
BDA C3B    C Y N 45  
BDA C4B    C Y N 46  
BDA O4B    O N N 47  
BDA C5B    C Y N 48  
BDA C6B    C N N 49  
BDA "O6'"  O N N 50  
BDA C7B    C Y N 51  
BDA C8B    C Y N 52  
BDA "O8'"  O N N 53  
BDA "C9'"  C Y N 54  
BDA "CA'"  C N S 55  
BDA "OA'"  O N N 56  
BDA "CB'"  C N N 57  
BDA "CC'"  C N S 58  
BDA "OC'"  O N N 59  
BDA "CD'"  C N N 60  
BDA "OD'"  O N N 61  
BDA "CE'"  C N N 62  
BDA "CF'"  C N N 63  
BDA "CG'"  C Y N 64  
BDA "CH'"  C Y N 65  
BDA "OH'"  O N N 66  
BDA "CI'"  C Y N 67  
BDA "CJ'"  C N N 68  
BDA "OJ'"  O N N 69  
BDA "CK'"  C Y N 70  
BDA "CL'"  C N N 71  
BDA C1D    C N R 72  
BDA C2D    C N N 73  
BDA C3D    C N S 74  
BDA N3D    N N N 75  
BDA C4D    C N S 76  
BDA O4D    O N N 77  
BDA C5D    C N S 78  
BDA O5D    O N N 79  
BDA C6D    C N N 80  
BDA C7D    C N N 81  
BDA C8D    C Y N 82  
BDA C1A    C Y N 83  
BDA C1C    C Y N 84  
BDA H1     H N N 85  
BDA H2     H N N 86  
BDA H3     H N N 87  
BDA HO8    H N N 88  
BDA H10    H N N 89  
BDA H111   H N N 90  
BDA H112   H N N 91  
BDA H12    H N N 92  
BDA H141   H N N 93  
BDA H142   H N N 94  
BDA H143   H N N 95  
BDA H151   H N N 96  
BDA H152   H N N 97  
BDA H17    H N N 98  
BDA H211   H N N 99  
BDA H212   H N N 100 
BDA H213   H N N 101 
BDA H1B    H N N 102 
BDA "H2'1" H N N 103 
BDA "H2'2" H N N 104 
BDA H3B    H N N 105 
BDA "HN'1" H N N 106 
BDA "HN'2" H N N 107 
BDA "H4'"  H N N 108 
BDA "HO4'" H N N 109 
BDA "H5'"  H N N 110 
BDA "H6'1" H N N 111 
BDA "H6'2" H N N 112 
BDA "H6'3" H N N 113 
BDA "H7'1" H N N 114 
BDA "H7'2" H N N 115 
BDA H9A    H N N 116 
BDA H9B    H N N 117 
BDA "H1'"  H N N 118 
BDA "H2'"  H N N 119 
BDA "H3'"  H N N 120 
BDA "HO8'" H N N 121 
BDA "H10'" H N N 122 
BDA "HL'1" H N N 123 
BDA "HL'2" H N N 124 
BDA "H12'" H N N 125 
BDA "HK'1" H N N 126 
BDA "HK'2" H N N 127 
BDA "HK'3" H N N 128 
BDA "HJ'1" H N N 129 
BDA "HJ'2" H N N 130 
BDA "H17'" H N N 131 
BDA "HI'1" H N N 132 
BDA "HI'2" H N N 133 
BDA "HI'3" H N N 134 
BDA H1D    H N N 135 
BDA H2B    H N N 136 
BDA H2D    H N N 137 
BDA H3D    H N N 138 
BDA HNB    H N N 139 
BDA HND    H N N 140 
BDA H4D    H N N 141 
BDA HO4A   H N N 142 
BDA H5D    H N N 143 
BDA H6B    H N N 144 
BDA H6D    H N N 145 
BDA H6E    H N N 146 
BDA H7B    H N N 147 
BDA H7D    H N N 148 
BDA "H9A'" H N N 149 
BDA "H9B'" H N N 150 
DA  OP3    O N N 151 
DA  P      P N N 152 
DA  OP1    O N N 153 
DA  OP2    O N N 154 
DA  "O5'"  O N N 155 
DA  "C5'"  C N N 156 
DA  "C4'"  C N R 157 
DA  "O4'"  O N N 158 
DA  "C3'"  C N S 159 
DA  "O3'"  O N N 160 
DA  "C2'"  C N N 161 
DA  "C1'"  C N R 162 
DA  N9     N Y N 163 
DA  C8     C Y N 164 
DA  N7     N Y N 165 
DA  C5     C Y N 166 
DA  C6     C Y N 167 
DA  N6     N N N 168 
DA  N1     N Y N 169 
DA  C2     C Y N 170 
DA  N3     N Y N 171 
DA  C4     C Y N 172 
DA  HOP3   H N N 173 
DA  HOP2   H N N 174 
DA  "H5'"  H N N 175 
DA  "H5''" H N N 176 
DA  "H4'"  H N N 177 
DA  "H3'"  H N N 178 
DA  "HO3'" H N N 179 
DA  "H2'"  H N N 180 
DA  "H2''" H N N 181 
DA  "H1'"  H N N 182 
DA  H8     H N N 183 
DA  H61    H N N 184 
DA  H62    H N N 185 
DA  H2     H N N 186 
DC  OP3    O N N 187 
DC  P      P N N 188 
DC  OP1    O N N 189 
DC  OP2    O N N 190 
DC  "O5'"  O N N 191 
DC  "C5'"  C N N 192 
DC  "C4'"  C N R 193 
DC  "O4'"  O N N 194 
DC  "C3'"  C N S 195 
DC  "O3'"  O N N 196 
DC  "C2'"  C N N 197 
DC  "C1'"  C N R 198 
DC  N1     N N N 199 
DC  C2     C N N 200 
DC  O2     O N N 201 
DC  N3     N N N 202 
DC  C4     C N N 203 
DC  N4     N N N 204 
DC  C5     C N N 205 
DC  C6     C N N 206 
DC  HOP3   H N N 207 
DC  HOP2   H N N 208 
DC  "H5'"  H N N 209 
DC  "H5''" H N N 210 
DC  "H4'"  H N N 211 
DC  "H3'"  H N N 212 
DC  "HO3'" H N N 213 
DC  "H2'"  H N N 214 
DC  "H2''" H N N 215 
DC  "H1'"  H N N 216 
DC  H41    H N N 217 
DC  H42    H N N 218 
DC  H5     H N N 219 
DC  H6     H N N 220 
DG  OP3    O N N 221 
DG  P      P N N 222 
DG  OP1    O N N 223 
DG  OP2    O N N 224 
DG  "O5'"  O N N 225 
DG  "C5'"  C N N 226 
DG  "C4'"  C N R 227 
DG  "O4'"  O N N 228 
DG  "C3'"  C N S 229 
DG  "O3'"  O N N 230 
DG  "C2'"  C N N 231 
DG  "C1'"  C N R 232 
DG  N9     N Y N 233 
DG  C8     C Y N 234 
DG  N7     N Y N 235 
DG  C5     C Y N 236 
DG  C6     C N N 237 
DG  O6     O N N 238 
DG  N1     N N N 239 
DG  C2     C N N 240 
DG  N2     N N N 241 
DG  N3     N N N 242 
DG  C4     C Y N 243 
DG  HOP3   H N N 244 
DG  HOP2   H N N 245 
DG  "H5'"  H N N 246 
DG  "H5''" H N N 247 
DG  "H4'"  H N N 248 
DG  "H3'"  H N N 249 
DG  "HO3'" H N N 250 
DG  "H2'"  H N N 251 
DG  "H2''" H N N 252 
DG  "H1'"  H N N 253 
DG  H8     H N N 254 
DG  H1     H N N 255 
DG  H21    H N N 256 
DG  H22    H N N 257 
DT  OP3    O N N 258 
DT  P      P N N 259 
DT  OP1    O N N 260 
DT  OP2    O N N 261 
DT  "O5'"  O N N 262 
DT  "C5'"  C N N 263 
DT  "C4'"  C N R 264 
DT  "O4'"  O N N 265 
DT  "C3'"  C N S 266 
DT  "O3'"  O N N 267 
DT  "C2'"  C N N 268 
DT  "C1'"  C N R 269 
DT  N1     N N N 270 
DT  C2     C N N 271 
DT  O2     O N N 272 
DT  N3     N N N 273 
DT  C4     C N N 274 
DT  O4     O N N 275 
DT  C5     C N N 276 
DT  C7     C N N 277 
DT  C6     C N N 278 
DT  HOP3   H N N 279 
DT  HOP2   H N N 280 
DT  "H5'"  H N N 281 
DT  "H5''" H N N 282 
DT  "H4'"  H N N 283 
DT  "H3'"  H N N 284 
DT  "HO3'" H N N 285 
DT  "H2'"  H N N 286 
DT  "H2''" H N N 287 
DT  "H1'"  H N N 288 
DT  H3     H N N 289 
DT  H71    H N N 290 
DT  H72    H N N 291 
DT  H73    H N N 292 
DT  H6     H N N 293 
# 
loop_
_chem_comp_bond.comp_id 
_chem_comp_bond.atom_id_1 
_chem_comp_bond.atom_id_2 
_chem_comp_bond.value_order 
_chem_comp_bond.pdbx_aromatic_flag 
_chem_comp_bond.pdbx_stereo_config 
_chem_comp_bond.pdbx_ordinal 
BDA C1    C2     doub Y N 1   
BDA C1    C20    sing Y N 2   
BDA C1    H1     sing N N 3   
BDA C2    C3     sing Y N 4   
BDA C2    H2     sing N N 5   
BDA C3    C4     doub Y N 6   
BDA C3    H3     sing N N 7   
BDA C4    O4     sing N N 8   
BDA C4    C5     sing Y N 9   
BDA O4    C21    sing N N 10  
BDA C5    C6     sing N N 11  
BDA C5    C20    doub Y N 12  
BDA C6    O6     doub N N 13  
BDA C6    C7     sing N N 14  
BDA C7    C8     sing Y N 15  
BDA C7    C18    doub Y N 16  
BDA C8    O8     sing N N 17  
BDA C8    C9     doub Y N 18  
BDA O8    HO8    sing N N 19  
BDA C9    C10    sing N N 20  
BDA C9    C16    sing Y N 21  
BDA C10   O10    sing N N 22  
BDA C10   C11    sing N N 23  
BDA C10   H10    sing N N 24  
BDA O10   "C1'"  sing N N 25  
BDA C11   C12    sing N N 26  
BDA C11   H111   sing N N 27  
BDA C11   H112   sing N N 28  
BDA C12   O12    sing N N 29  
BDA C12   C13    sing N N 30  
BDA C12   C15    sing N N 31  
BDA O12   H12    sing N N 32  
BDA C13   O13    doub N N 33  
BDA C13   C14    sing N N 34  
BDA C14   H141   sing N N 35  
BDA C14   H142   sing N N 36  
BDA C14   H143   sing N N 37  
BDA C15   C16    sing N N 38  
BDA C15   H151   sing N N 39  
BDA C15   H152   sing N N 40  
BDA C16   C17    doub Y N 41  
BDA C17   O17    sing N N 42  
BDA C17   C18    sing Y N 43  
BDA O17   H17    sing N N 44  
BDA C18   C19    sing N N 45  
BDA C19   O19    doub N N 46  
BDA C19   C20    sing N N 47  
BDA C21   H211   sing N N 48  
BDA C21   H212   sing N N 49  
BDA C21   H213   sing N N 50  
BDA "C1'" "C2'"  sing N N 51  
BDA "C1'" "O5'"  sing N N 52  
BDA "C1'" H1B    sing N N 53  
BDA "C2'" "C3'"  sing N N 54  
BDA "C2'" "H2'1" sing N N 55  
BDA "C2'" "H2'2" sing N N 56  
BDA "C3'" "N3'"  sing N N 57  
BDA "C3'" "C4'"  sing N N 58  
BDA "C3'" H3B    sing N N 59  
BDA "N3'" "C7'"  sing N N 60  
BDA "N3'" "HN'1" sing N N 61  
BDA "N3'" "HN'2" sing N N 62  
BDA "C4'" "O4'"  sing N N 63  
BDA "C4'" "C5'"  sing N N 64  
BDA "C4'" "H4'"  sing N N 65  
BDA "O4'" "HO4'" sing N N 66  
BDA "C5'" "O5'"  sing N N 67  
BDA "C5'" "C6'"  sing N N 68  
BDA "C5'" "H5'"  sing N N 69  
BDA "C6'" "H6'1" sing N N 70  
BDA "C6'" "H6'2" sing N N 71  
BDA "C6'" "H6'3" sing N N 72  
BDA "C7'" "C8'"  sing N N 73  
BDA "C7'" "H7'1" sing N N 74  
BDA "C7'" "H7'2" sing N N 75  
BDA "C8'" C9A    doub Y N 76  
BDA "C8'" C9B    sing Y N 77  
BDA C9A   C1A    sing Y N 78  
BDA C9A   H9A    sing N N 79  
BDA C9B   C1C    doub Y N 80  
BDA C9B   H9B    sing N N 81  
BDA C1B   C2B    doub Y N 82  
BDA C1B   "CK'"  sing Y N 83  
BDA C1B   "H1'"  sing N N 84  
BDA C2B   C3B    sing Y N 85  
BDA C2B   "H2'"  sing N N 86  
BDA C3B   C4B    doub Y N 87  
BDA C3B   "H3'"  sing N N 88  
BDA C4B   O4B    sing N N 89  
BDA C4B   C5B    sing Y N 90  
BDA O4B   "CL'"  sing N N 91  
BDA C5B   C6B    sing N N 92  
BDA C5B   "CK'"  doub Y N 93  
BDA C6B   "O6'"  doub N N 94  
BDA C6B   C7B    sing N N 95  
BDA C7B   C8B    sing Y N 96  
BDA C7B   "CI'"  doub Y N 97  
BDA C8B   "O8'"  sing N N 98  
BDA C8B   "C9'"  doub Y N 99  
BDA "O8'" "HO8'" sing N N 100 
BDA "C9'" "CA'"  sing N N 101 
BDA "C9'" "CG'"  sing Y N 102 
BDA "CA'" "OA'"  sing N N 103 
BDA "CA'" "CB'"  sing N N 104 
BDA "CA'" "H10'" sing N N 105 
BDA "OA'" C1D    sing N N 106 
BDA "CB'" "CC'"  sing N N 107 
BDA "CB'" "HL'1" sing N N 108 
BDA "CB'" "HL'2" sing N N 109 
BDA "CC'" "OC'"  sing N N 110 
BDA "CC'" "CD'"  sing N N 111 
BDA "CC'" "CF'"  sing N N 112 
BDA "OC'" "H12'" sing N N 113 
BDA "CD'" "OD'"  doub N N 114 
BDA "CD'" "CE'"  sing N N 115 
BDA "CE'" "HK'1" sing N N 116 
BDA "CE'" "HK'2" sing N N 117 
BDA "CE'" "HK'3" sing N N 118 
BDA "CF'" "CG'"  sing N N 119 
BDA "CF'" "HJ'1" sing N N 120 
BDA "CF'" "HJ'2" sing N N 121 
BDA "CG'" "CH'"  doub Y N 122 
BDA "CH'" "OH'"  sing N N 123 
BDA "CH'" "CI'"  sing Y N 124 
BDA "OH'" "H17'" sing N N 125 
BDA "CI'" "CJ'"  sing N N 126 
BDA "CJ'" "OJ'"  doub N N 127 
BDA "CJ'" "CK'"  sing N N 128 
BDA "CL'" "HI'1" sing N N 129 
BDA "CL'" "HI'2" sing N N 130 
BDA "CL'" "HI'3" sing N N 131 
BDA C1D   C2D    sing N N 132 
BDA C1D   O5D    sing N N 133 
BDA C1D   H1D    sing N N 134 
BDA C2D   C3D    sing N N 135 
BDA C2D   H2B    sing N N 136 
BDA C2D   H2D    sing N N 137 
BDA C3D   N3D    sing N N 138 
BDA C3D   C4D    sing N N 139 
BDA C3D   H3D    sing N N 140 
BDA N3D   C7D    sing N N 141 
BDA N3D   HNB    sing N N 142 
BDA N3D   HND    sing N N 143 
BDA C4D   O4D    sing N N 144 
BDA C4D   C5D    sing N N 145 
BDA C4D   H4D    sing N N 146 
BDA O4D   HO4A   sing N N 147 
BDA C5D   O5D    sing N N 148 
BDA C5D   C6D    sing N N 149 
BDA C5D   H5D    sing N N 150 
BDA C6D   H6B    sing N N 151 
BDA C6D   H6D    sing N N 152 
BDA C6D   H6E    sing N N 153 
BDA C7D   C8D    sing N N 154 
BDA C7D   H7B    sing N N 155 
BDA C7D   H7D    sing N N 156 
BDA C8D   C1A    doub Y N 157 
BDA C8D   C1C    sing Y N 158 
BDA C1A   "H9A'" sing N N 159 
BDA C1C   "H9B'" sing N N 160 
DA  OP3   P      sing N N 161 
DA  OP3   HOP3   sing N N 162 
DA  P     OP1    doub N N 163 
DA  P     OP2    sing N N 164 
DA  P     "O5'"  sing N N 165 
DA  OP2   HOP2   sing N N 166 
DA  "O5'" "C5'"  sing N N 167 
DA  "C5'" "C4'"  sing N N 168 
DA  "C5'" "H5'"  sing N N 169 
DA  "C5'" "H5''" sing N N 170 
DA  "C4'" "O4'"  sing N N 171 
DA  "C4'" "C3'"  sing N N 172 
DA  "C4'" "H4'"  sing N N 173 
DA  "O4'" "C1'"  sing N N 174 
DA  "C3'" "O3'"  sing N N 175 
DA  "C3'" "C2'"  sing N N 176 
DA  "C3'" "H3'"  sing N N 177 
DA  "O3'" "HO3'" sing N N 178 
DA  "C2'" "C1'"  sing N N 179 
DA  "C2'" "H2'"  sing N N 180 
DA  "C2'" "H2''" sing N N 181 
DA  "C1'" N9     sing N N 182 
DA  "C1'" "H1'"  sing N N 183 
DA  N9    C8     sing Y N 184 
DA  N9    C4     sing Y N 185 
DA  C8    N7     doub Y N 186 
DA  C8    H8     sing N N 187 
DA  N7    C5     sing Y N 188 
DA  C5    C6     sing Y N 189 
DA  C5    C4     doub Y N 190 
DA  C6    N6     sing N N 191 
DA  C6    N1     doub Y N 192 
DA  N6    H61    sing N N 193 
DA  N6    H62    sing N N 194 
DA  N1    C2     sing Y N 195 
DA  C2    N3     doub Y N 196 
DA  C2    H2     sing N N 197 
DA  N3    C4     sing Y N 198 
DC  OP3   P      sing N N 199 
DC  OP3   HOP3   sing N N 200 
DC  P     OP1    doub N N 201 
DC  P     OP2    sing N N 202 
DC  P     "O5'"  sing N N 203 
DC  OP2   HOP2   sing N N 204 
DC  "O5'" "C5'"  sing N N 205 
DC  "C5'" "C4'"  sing N N 206 
DC  "C5'" "H5'"  sing N N 207 
DC  "C5'" "H5''" sing N N 208 
DC  "C4'" "O4'"  sing N N 209 
DC  "C4'" "C3'"  sing N N 210 
DC  "C4'" "H4'"  sing N N 211 
DC  "O4'" "C1'"  sing N N 212 
DC  "C3'" "O3'"  sing N N 213 
DC  "C3'" "C2'"  sing N N 214 
DC  "C3'" "H3'"  sing N N 215 
DC  "O3'" "HO3'" sing N N 216 
DC  "C2'" "C1'"  sing N N 217 
DC  "C2'" "H2'"  sing N N 218 
DC  "C2'" "H2''" sing N N 219 
DC  "C1'" N1     sing N N 220 
DC  "C1'" "H1'"  sing N N 221 
DC  N1    C2     sing N N 222 
DC  N1    C6     sing N N 223 
DC  C2    O2     doub N N 224 
DC  C2    N3     sing N N 225 
DC  N3    C4     doub N N 226 
DC  C4    N4     sing N N 227 
DC  C4    C5     sing N N 228 
DC  N4    H41    sing N N 229 
DC  N4    H42    sing N N 230 
DC  C5    C6     doub N N 231 
DC  C5    H5     sing N N 232 
DC  C6    H6     sing N N 233 
DG  OP3   P      sing N N 234 
DG  OP3   HOP3   sing N N 235 
DG  P     OP1    doub N N 236 
DG  P     OP2    sing N N 237 
DG  P     "O5'"  sing N N 238 
DG  OP2   HOP2   sing N N 239 
DG  "O5'" "C5'"  sing N N 240 
DG  "C5'" "C4'"  sing N N 241 
DG  "C5'" "H5'"  sing N N 242 
DG  "C5'" "H5''" sing N N 243 
DG  "C4'" "O4'"  sing N N 244 
DG  "C4'" "C3'"  sing N N 245 
DG  "C4'" "H4'"  sing N N 246 
DG  "O4'" "C1'"  sing N N 247 
DG  "C3'" "O3'"  sing N N 248 
DG  "C3'" "C2'"  sing N N 249 
DG  "C3'" "H3'"  sing N N 250 
DG  "O3'" "HO3'" sing N N 251 
DG  "C2'" "C1'"  sing N N 252 
DG  "C2'" "H2'"  sing N N 253 
DG  "C2'" "H2''" sing N N 254 
DG  "C1'" N9     sing N N 255 
DG  "C1'" "H1'"  sing N N 256 
DG  N9    C8     sing Y N 257 
DG  N9    C4     sing Y N 258 
DG  C8    N7     doub Y N 259 
DG  C8    H8     sing N N 260 
DG  N7    C5     sing Y N 261 
DG  C5    C6     sing N N 262 
DG  C5    C4     doub Y N 263 
DG  C6    O6     doub N N 264 
DG  C6    N1     sing N N 265 
DG  N1    C2     sing N N 266 
DG  N1    H1     sing N N 267 
DG  C2    N2     sing N N 268 
DG  C2    N3     doub N N 269 
DG  N2    H21    sing N N 270 
DG  N2    H22    sing N N 271 
DG  N3    C4     sing N N 272 
DT  OP3   P      sing N N 273 
DT  OP3   HOP3   sing N N 274 
DT  P     OP1    doub N N 275 
DT  P     OP2    sing N N 276 
DT  P     "O5'"  sing N N 277 
DT  OP2   HOP2   sing N N 278 
DT  "O5'" "C5'"  sing N N 279 
DT  "C5'" "C4'"  sing N N 280 
DT  "C5'" "H5'"  sing N N 281 
DT  "C5'" "H5''" sing N N 282 
DT  "C4'" "O4'"  sing N N 283 
DT  "C4'" "C3'"  sing N N 284 
DT  "C4'" "H4'"  sing N N 285 
DT  "O4'" "C1'"  sing N N 286 
DT  "C3'" "O3'"  sing N N 287 
DT  "C3'" "C2'"  sing N N 288 
DT  "C3'" "H3'"  sing N N 289 
DT  "O3'" "HO3'" sing N N 290 
DT  "C2'" "C1'"  sing N N 291 
DT  "C2'" "H2'"  sing N N 292 
DT  "C2'" "H2''" sing N N 293 
DT  "C1'" N1     sing N N 294 
DT  "C1'" "H1'"  sing N N 295 
DT  N1    C2     sing N N 296 
DT  N1    C6     sing N N 297 
DT  C2    O2     doub N N 298 
DT  C2    N3     sing N N 299 
DT  N3    C4     sing N N 300 
DT  N3    H3     sing N N 301 
DT  C4    O4     doub N N 302 
DT  C4    C5     sing N N 303 
DT  C5    C7     sing N N 304 
DT  C5    C6     doub N N 305 
DT  C7    H71    sing N N 306 
DT  C7    H72    sing N N 307 
DT  C7    H73    sing N N 308 
DT  C6    H6     sing N N 309 
# 
_ndb_struct_conf_na.entry_id   1AL9 
_ndb_struct_conf_na.feature    'b-form double helix' 
# 
loop_
_ndb_struct_na_base_pair.model_number 
_ndb_struct_na_base_pair.i_label_asym_id 
_ndb_struct_na_base_pair.i_label_comp_id 
_ndb_struct_na_base_pair.i_label_seq_id 
_ndb_struct_na_base_pair.i_symmetry 
_ndb_struct_na_base_pair.j_label_asym_id 
_ndb_struct_na_base_pair.j_label_comp_id 
_ndb_struct_na_base_pair.j_label_seq_id 
_ndb_struct_na_base_pair.j_symmetry 
_ndb_struct_na_base_pair.shear 
_ndb_struct_na_base_pair.stretch 
_ndb_struct_na_base_pair.stagger 
_ndb_struct_na_base_pair.buckle 
_ndb_struct_na_base_pair.propeller 
_ndb_struct_na_base_pair.opening 
_ndb_struct_na_base_pair.pair_number 
_ndb_struct_na_base_pair.pair_name 
_ndb_struct_na_base_pair.i_auth_asym_id 
_ndb_struct_na_base_pair.i_auth_seq_id 
_ndb_struct_na_base_pair.i_PDB_ins_code 
_ndb_struct_na_base_pair.j_auth_asym_id 
_ndb_struct_na_base_pair.j_auth_seq_id 
_ndb_struct_na_base_pair.j_PDB_ins_code 
_ndb_struct_na_base_pair.hbond_type_28 
_ndb_struct_na_base_pair.hbond_type_12 
1 A DA 1 1_555 B DT 8 1_555 0.255  -0.022 0.453  5.149   3.767   8.773  1 A_DA1:DT16_B A 1 ? B 16 ? 20 1 
1 A DC 2 1_555 B DG 7 1_555 0.587  -0.276 -0.035 13.971  -6.261  -6.375 2 A_DC2:DG15_B A 2 ? B 15 ? 19 1 
1 A DG 3 1_555 B DC 6 1_555 -0.482 -0.124 -0.324 -18.129 9.481   4.370  3 A_DG3:DC14_B A 3 ? B 14 ? 19 1 
1 A DT 4 1_555 B DA 5 1_555 -0.083 -0.067 0.312  -6.360  -11.052 -1.813 4 A_DT4:DA13_B A 4 ? B 13 ? 20 1 
1 A DA 5 1_555 B DT 4 1_555 0.086  -0.074 0.320  6.429   -11.165 -1.893 5 A_DA5:DT12_B A 5 ? B 12 ? 20 1 
1 A DC 6 1_555 B DG 3 1_555 0.483  -0.133 -0.322 18.184  9.451   4.374  6 A_DC6:DG11_B A 6 ? B 11 ? 19 1 
1 A DG 7 1_555 B DC 2 1_555 -0.600 -0.286 -0.033 -13.983 -6.332  -6.295 7 A_DG7:DC10_B A 7 ? B 10 ? 19 1 
1 A DT 8 1_555 B DA 1 1_555 -0.268 -0.021 0.459  -5.284  3.881   8.955  8 A_DT8:DA9_B  A 8 ? B 9  ? 20 1 
# 
loop_
_ndb_struct_na_base_pair_step.model_number 
_ndb_struct_na_base_pair_step.i_label_asym_id_1 
_ndb_struct_na_base_pair_step.i_label_comp_id_1 
_ndb_struct_na_base_pair_step.i_label_seq_id_1 
_ndb_struct_na_base_pair_step.i_symmetry_1 
_ndb_struct_na_base_pair_step.j_label_asym_id_1 
_ndb_struct_na_base_pair_step.j_label_comp_id_1 
_ndb_struct_na_base_pair_step.j_label_seq_id_1 
_ndb_struct_na_base_pair_step.j_symmetry_1 
_ndb_struct_na_base_pair_step.i_label_asym_id_2 
_ndb_struct_na_base_pair_step.i_label_comp_id_2 
_ndb_struct_na_base_pair_step.i_label_seq_id_2 
_ndb_struct_na_base_pair_step.i_symmetry_2 
_ndb_struct_na_base_pair_step.j_label_asym_id_2 
_ndb_struct_na_base_pair_step.j_label_comp_id_2 
_ndb_struct_na_base_pair_step.j_label_seq_id_2 
_ndb_struct_na_base_pair_step.j_symmetry_2 
_ndb_struct_na_base_pair_step.shift 
_ndb_struct_na_base_pair_step.slide 
_ndb_struct_na_base_pair_step.rise 
_ndb_struct_na_base_pair_step.tilt 
_ndb_struct_na_base_pair_step.roll 
_ndb_struct_na_base_pair_step.twist 
_ndb_struct_na_base_pair_step.x_displacement 
_ndb_struct_na_base_pair_step.y_displacement 
_ndb_struct_na_base_pair_step.helical_rise 
_ndb_struct_na_base_pair_step.inclination 
_ndb_struct_na_base_pair_step.tip 
_ndb_struct_na_base_pair_step.helical_twist 
_ndb_struct_na_base_pair_step.step_number 
_ndb_struct_na_base_pair_step.step_name 
_ndb_struct_na_base_pair_step.i_auth_asym_id_1 
_ndb_struct_na_base_pair_step.i_auth_seq_id_1 
_ndb_struct_na_base_pair_step.i_PDB_ins_code_1 
_ndb_struct_na_base_pair_step.j_auth_asym_id_1 
_ndb_struct_na_base_pair_step.j_auth_seq_id_1 
_ndb_struct_na_base_pair_step.j_PDB_ins_code_1 
_ndb_struct_na_base_pair_step.i_auth_asym_id_2 
_ndb_struct_na_base_pair_step.i_auth_seq_id_2 
_ndb_struct_na_base_pair_step.i_PDB_ins_code_2 
_ndb_struct_na_base_pair_step.j_auth_asym_id_2 
_ndb_struct_na_base_pair_step.j_auth_seq_id_2 
_ndb_struct_na_base_pair_step.j_PDB_ins_code_2 
1 A DA 1 1_555 B DT 8 1_555 A DC 2 1_555 B DG 7 1_555 -0.191 -0.320 3.105 5.499  -5.668 29.907 0.448  1.375  3.031 -10.749 -10.428 
30.909 1 AA_DA1DC2:DG15DT16_BB A 1 ? B 16 ? A 2 ? B 15 ? 
1 A DC 2 1_555 B DG 7 1_555 A DG 3 1_555 B DC 6 1_555 1.037  0.611  6.947 2.263  -4.715 35.292 2.448  -0.997 6.862 -7.724  -3.707  
35.666 2 AA_DC2DG3:DC14DG15_BB A 2 ? B 15 ? A 3 ? B 14 ? 
1 A DG 3 1_555 B DC 6 1_555 A DT 4 1_555 B DA 5 1_555 -0.910 -0.367 2.980 -4.904 -1.150 27.543 -0.504 0.792  3.105 -2.390  10.191  
27.991 3 AA_DG3DT4:DA13DC14_BB A 3 ? B 14 ? A 4 ? B 13 ? 
1 A DT 4 1_555 B DA 5 1_555 A DA 5 1_555 B DT 4 1_555 -0.002 0.979  3.464 -0.103 10.217 34.487 -0.024 -0.013 3.600 16.783  0.170   
35.924 4 AA_DT4DA5:DT12DA13_BB A 4 ? B 13 ? A 5 ? B 12 ? 
1 A DA 5 1_555 B DT 4 1_555 A DC 6 1_555 B DG 3 1_555 0.911  -0.368 2.981 4.985  -1.208 27.558 -0.492 -0.775 3.107 -2.508  -10.351 
28.023 5 AA_DA5DC6:DG11DT12_BB A 5 ? B 12 ? A 6 ? B 11 ? 
1 A DC 6 1_555 B DG 3 1_555 A DG 7 1_555 B DC 2 1_555 -1.036 0.611  6.948 -2.267 -4.722 35.318 2.448  0.994  6.863 -7.730  3.711   
35.692 6 AA_DC6DG7:DC10DG11_BB A 6 ? B 11 ? A 7 ? B 10 ? 
1 A DG 7 1_555 B DC 2 1_555 A DT 8 1_555 B DA 1 1_555 0.191  -0.320 3.106 -5.586 -5.593 29.964 0.431  -1.388 3.031 -10.588 10.574  
30.966 7 AA_DG7DT8:DA9DC10_BB  A 7 ? B 10 ? A 8 ? B 9  ? 
# 
_pdbx_nmr_spectrometer.spectrometer_id   1 
_pdbx_nmr_spectrometer.model             'INOVA 750' 
_pdbx_nmr_spectrometer.manufacturer      Varian 
_pdbx_nmr_spectrometer.field_strength    750 
# 
_atom_sites.entry_id                    1AL9 
_atom_sites.fract_transf_matrix[1][1]   1.000000 
_atom_sites.fract_transf_matrix[1][2]   0.000000 
_atom_sites.fract_transf_matrix[1][3]   0.000000 
_atom_sites.fract_transf_matrix[2][1]   0.000000 
_atom_sites.fract_transf_matrix[2][2]   1.000000 
_atom_sites.fract_transf_matrix[2][3]   0.000000 
_atom_sites.fract_transf_matrix[3][1]   0.000000 
_atom_sites.fract_transf_matrix[3][2]   0.000000 
_atom_sites.fract_transf_matrix[3][3]   1.000000 
_atom_sites.fract_transf_vector[1]      0.00000 
_atom_sites.fract_transf_vector[2]      0.00000 
_atom_sites.fract_transf_vector[3]      0.00000 
# 
loop_
_atom_type.symbol 
C 
H 
N 
O 
P 
# 
loop_
_atom_site.group_PDB 
_atom_site.id 
_atom_site.type_symbol 
_atom_site.label_atom_id 
_atom_site.label_alt_id 
_atom_site.label_comp_id 
_atom_site.label_asym_id 
_atom_site.label_entity_id 
_atom_site.label_seq_id 
_atom_site.pdbx_PDB_ins_code 
_atom_site.Cartn_x 
_atom_site.Cartn_y 
_atom_site.Cartn_z 
_atom_site.occupancy 
_atom_site.B_iso_or_equiv 
_atom_site.pdbx_formal_charge 
_atom_site.auth_seq_id 
_atom_site.auth_comp_id 
_atom_site.auth_asym_id 
_atom_site.auth_atom_id 
_atom_site.pdbx_PDB_model_num 
ATOM   1   O "O5'"  . DA  A 1 1 ? 16.324  1.536   -10.101 1.00 0.00  ? 1  DA  A "O5'"  1 
ATOM   2   C "C5'"  . DA  A 1 1 ? 15.745  0.873   -11.235 1.00 0.00  ? 1  DA  A "C5'"  1 
ATOM   3   C "C4'"  . DA  A 1 1 ? 14.279  0.464   -10.998 1.00 0.00  ? 1  DA  A "C4'"  1 
ATOM   4   O "O4'"  . DA  A 1 1 ? 14.309  -0.457  -9.905  1.00 0.00  ? 1  DA  A "O4'"  1 
ATOM   5   C "C3'"  . DA  A 1 1 ? 13.348  1.627   -10.690 1.00 0.00  ? 1  DA  A "C3'"  1 
ATOM   6   O "O3'"  . DA  A 1 1 ? 12.473  1.791   -11.818 1.00 0.00  ? 1  DA  A "O3'"  1 
ATOM   7   C "C2'"  . DA  A 1 1 ? 12.685  1.116   -9.388  1.00 0.00  ? 1  DA  A "C2'"  1 
ATOM   8   C "C1'"  . DA  A 1 1 ? 13.100  -0.368  -9.164  1.00 0.00  ? 1  DA  A "C1'"  1 
ATOM   9   N N9     . DA  A 1 1 ? 13.519  -0.760  -7.795  1.00 0.00  ? 1  DA  A N9     1 
ATOM   10  C C8     . DA  A 1 1 ? 14.351  -0.123  -6.908  1.00 0.00  ? 1  DA  A C8     1 
ATOM   11  N N7     . DA  A 1 1 ? 14.529  -0.755  -5.782  1.00 0.00  ? 1  DA  A N7     1 
ATOM   12  C C5     . DA  A 1 1 ? 13.786  -1.920  -5.942  1.00 0.00  ? 1  DA  A C5     1 
ATOM   13  C C6     . DA  A 1 1 ? 13.575  -3.037  -5.116  1.00 0.00  ? 1  DA  A C6     1 
ATOM   14  N N6     . DA  A 1 1 ? 14.129  -3.191  -3.912  1.00 0.00  ? 1  DA  A N6     1 
ATOM   15  N N1     . DA  A 1 1 ? 12.770  -4.002  -5.584  1.00 0.00  ? 1  DA  A N1     1 
ATOM   16  C C2     . DA  A 1 1 ? 12.221  -3.884  -6.787  1.00 0.00  ? 1  DA  A C2     1 
ATOM   17  N N3     . DA  A 1 1 ? 12.349  -2.891  -7.651  1.00 0.00  ? 1  DA  A N3     1 
ATOM   18  C C4     . DA  A 1 1 ? 13.156  -1.925  -7.157  1.00 0.00  ? 1  DA  A C4     1 
ATOM   19  H "H5'"  . DA  A 1 1 ? 17.269  1.625   -10.263 1.00 0.00  ? 1  DA  A "H5'"  1 
ATOM   20  H "H5''" . DA  A 1 1 ? 15.856  1.514   -12.107 1.00 0.00  ? 1  DA  A "H5''" 1 
ATOM   21  H "H4'"  . DA  A 1 1 ? 13.740  -0.007  -11.826 1.00 0.00  ? 1  DA  A "H4'"  1 
ATOM   22  H "H3'"  . DA  A 1 1 ? 13.897  2.578   -10.600 1.00 0.00  ? 1  DA  A "H3'"  1 
ATOM   23  H "H2'"  . DA  A 1 1 ? 13.090  1.751   -8.603  1.00 0.00  ? 1  DA  A "H2'"  1 
ATOM   24  H "H2''" . DA  A 1 1 ? 11.600  1.197   -9.414  1.00 0.00  ? 1  DA  A "H2''" 1 
ATOM   25  H "H1'"  . DA  A 1 1 ? 12.358  -1.120  -9.471  1.00 0.00  ? 1  DA  A "H1'"  1 
ATOM   26  H H8     . DA  A 1 1 ? 14.843  0.823   -7.124  1.00 0.00  ? 1  DA  A H8     1 
ATOM   27  H H61    . DA  A 1 1 ? 13.902  -4.033  -3.401  1.00 0.00  ? 1  DA  A H61    1 
ATOM   28  H H62    . DA  A 1 1 ? 14.748  -2.494  -3.524  1.00 0.00  ? 1  DA  A H62    1 
ATOM   29  H H2     . DA  A 1 1 ? 11.585  -4.716  -7.097  1.00 0.00  ? 1  DA  A H2     1 
ATOM   30  P P      . DC  A 1 2 ? 11.344  2.943   -11.976 1.00 0.00  ? 2  DC  A P      1 
ATOM   31  O OP1    . DC  A 1 2 ? 11.209  3.275   -13.413 1.00 0.00  ? 2  DC  A OP1    1 
ATOM   32  O OP2    . DC  A 1 2 ? 11.634  4.015   -10.997 1.00 0.00  ? 2  DC  A OP2    1 
ATOM   33  O "O5'"  . DC  A 1 2 ? 10.024  2.159   -11.503 1.00 0.00  ? 2  DC  A "O5'"  1 
ATOM   34  C "C5'"  . DC  A 1 2 ? 9.738   0.853   -12.025 1.00 0.00  ? 2  DC  A "C5'"  1 
ATOM   35  C "C4'"  . DC  A 1 2 ? 9.079   -0.028  -10.951 1.00 0.00  ? 2  DC  A "C4'"  1 
ATOM   36  O "O4'"  . DC  A 1 2 ? 9.890   -0.194  -9.773  1.00 0.00  ? 2  DC  A "O4'"  1 
ATOM   37  C "C3'"  . DC  A 1 2 ? 7.669   0.320   -10.461 1.00 0.00  ? 2  DC  A "C3'"  1 
ATOM   38  O "O3'"  . DC  A 1 2 ? 6.718   -0.469  -11.184 1.00 13.67 ? 2  DC  A "O3'"  1 
ATOM   39  C "C2'"  . DC  A 1 2 ? 7.769   -0.026  -8.956  1.00 0.00  ? 2  DC  A "C2'"  1 
ATOM   40  C "C1'"  . DC  A 1 2 ? 9.046   -0.822  -8.784  1.00 0.00  ? 2  DC  A "C1'"  1 
ATOM   41  N N1     . DC  A 1 2 ? 9.594   -0.729  -7.408  1.00 11.36 ? 2  DC  A N1     1 
ATOM   42  C C2     . DC  A 1 2 ? 9.588   -1.870  -6.615  1.00 10.85 ? 2  DC  A C2     1 
ATOM   43  O O2     . DC  A 1 2 ? 9.065   -2.913  -7.008  1.00 10.28 ? 2  DC  A O2     1 
ATOM   44  N N3     . DC  A 1 2 ? 10.163  -1.813  -5.383  1.00 10.40 ? 2  DC  A N3     1 
ATOM   45  C C4     . DC  A 1 2 ? 10.716  -0.683  -4.914  1.00 10.73 ? 2  DC  A C4     1 
ATOM   46  N N4     . DC  A 1 2 ? 11.287  -0.675  -3.707  1.00 10.55 ? 2  DC  A N4     1 
ATOM   47  C C5     . DC  A 1 2 ? 10.699  0.513   -5.696  1.00 10.92 ? 2  DC  A C5     1 
ATOM   48  C C6     . DC  A 1 2 ? 10.096  0.442   -6.940  1.00 11.07 ? 2  DC  A C6     1 
ATOM   49  H "H5'"  . DC  A 1 2 ? 10.675  0.335   -12.171 1.00 0.00  ? 2  DC  A "H5'"  1 
ATOM   50  H "H5''" . DC  A 1 2 ? 9.294   0.879   -13.043 1.00 0.00  ? 2  DC  A "H5''" 1 
ATOM   51  H "H4'"  . DC  A 1 2 ? 9.030   -1.006  -11.385 1.00 0.00  ? 2  DC  A "H4'"  1 
ATOM   52  H "H3'"  . DC  A 1 2 ? 7.422   1.381   -10.577 1.00 0.00  ? 2  DC  A "H3'"  1 
ATOM   53  H "H2'"  . DC  A 1 2 ? 7.906   0.907   -8.413  1.00 0.00  ? 2  DC  A "H2'"  1 
ATOM   54  H "H2''" . DC  A 1 2 ? 6.939   -0.572  -8.512  1.00 0.00  ? 2  DC  A "H2''" 1 
ATOM   55  H "H1'"  . DC  A 1 2 ? 8.867   -1.887  -8.944  1.00 0.00  ? 2  DC  A "H1'"  1 
ATOM   56  H H41    . DC  A 1 2 ? 11.267  -1.531  -3.163  1.00 0.00  ? 2  DC  A H41    1 
ATOM   57  H H42    . DC  A 1 2 ? 11.730  0.157   -3.340  1.00 0.00  ? 2  DC  A H42    1 
ATOM   58  H H5     . DC  A 1 2 ? 11.135  1.418   -5.327  1.00 0.00  ? 2  DC  A H5     1 
ATOM   59  H H6     . DC  A 1 2 ? 9.991   1.299   -7.572  1.00 0.00  ? 2  DC  A H6     1 
ATOM   60  P P      . DG  A 1 3 ? 5.141   -0.216  -11.025 1.00 19.59 ? 3  DG  A P      1 
ATOM   61  O OP1    . DG  A 1 3 ? 4.448   -0.803  -12.197 1.00 18.14 ? 3  DG  A OP1    1 
ATOM   62  O OP2    . DG  A 1 3 ? 4.932   1.212   -10.684 1.00 19.23 ? 3  DG  A OP2    1 
ATOM   63  O "O5'"  . DG  A 1 3 ? 4.813   -1.106  -9.731  1.00 15.15 ? 3  DG  A "O5'"  1 
ATOM   64  C "C5'"  . DG  A 1 3 ? 4.814   -2.539  -9.794  1.00 14.39 ? 3  DG  A "C5'"  1 
ATOM   65  C "C4'"  . DG  A 1 3 ? 3.672   -3.121  -8.968  1.00 14.07 ? 3  DG  A "C4'"  1 
ATOM   66  O "O4'"  . DG  A 1 3 ? 3.965   -2.730  -7.621  1.00 13.58 ? 3  DG  A "O4'"  1 
ATOM   67  C "C3'"  . DG  A 1 3 ? 2.284   -2.624  -9.354  1.00 13.93 ? 3  DG  A "C3'"  1 
ATOM   68  O "O3'"  . DG  A 1 3 ? 1.312   -3.666  -9.553  1.00 14.60 ? 3  DG  A "O3'"  1 
ATOM   69  C "C2'"  . DG  A 1 3 ? 2.027   -1.638  -8.221  1.00 13.56 ? 3  DG  A "C2'"  1 
ATOM   70  C "C1'"  . DG  A 1 3 ? 2.844   -2.115  -7.011  1.00 12.88 ? 3  DG  A "C1'"  1 
ATOM   71  N N9     . DG  A 1 3 ? 3.410   -1.022  -6.152  1.00 12.11 ? 3  DG  A N9     1 
ATOM   72  C C8     . DG  A 1 3 ? 3.861   0.240   -6.488  1.00 11.76 ? 3  DG  A C8     1 
ATOM   73  N N7     . DG  A 1 3 ? 4.351   0.929   -5.499  1.00 11.74 ? 3  DG  A N7     1 
ATOM   74  C C5     . DG  A 1 3 ? 4.233   0.073   -4.414  1.00 11.28 ? 3  DG  A C5     1 
ATOM   75  C C6     . DG  A 1 3 ? 4.633   0.257   -3.060  1.00 11.01 ? 3  DG  A C6     1 
ATOM   76  O O6     . DG  A 1 3 ? 5.176   1.232   -2.541  1.00 10.88 ? 3  DG  A O6     1 
ATOM   77  N N1     . DG  A 1 3 ? 4.346   -0.861  -2.293  1.00 10.47 ? 3  DG  A N1     1 
ATOM   78  C C2     . DG  A 1 3 ? 3.718   -1.997  -2.758  1.00 10.62 ? 3  DG  A C2     1 
ATOM   79  N N2     . DG  A 1 3 ? 3.481   -2.969  -1.887  1.00 10.27 ? 3  DG  A N2     1 
ATOM   80  N N3     . DG  A 1 3 ? 3.338   -2.162  -4.017  1.00 10.86 ? 3  DG  A N3     1 
ATOM   81  C C4     . DG  A 1 3 ? 3.633   -1.102  -4.795  1.00 11.48 ? 3  DG  A C4     1 
ATOM   82  H "H5'"  . DG  A 1 3 ? 5.692   -2.904  -9.294  1.00 0.00  ? 3  DG  A "H5'"  1 
ATOM   83  H "H5''" . DG  A 1 3 ? 4.920   -2.894  -10.812 1.00 0.00  ? 3  DG  A "H5''" 1 
ATOM   84  H "H4'"  . DG  A 1 3 ? 3.621   -4.206  -9.000  1.00 0.00  ? 3  DG  A "H4'"  1 
ATOM   85  H "H3'"  . DG  A 1 3 ? 2.375   -2.154  -10.330 1.00 0.00  ? 3  DG  A "H3'"  1 
ATOM   86  H "H2'"  . DG  A 1 3 ? 2.452   -0.707  -8.606  1.00 0.00  ? 3  DG  A "H2'"  1 
ATOM   87  H "H2''" . DG  A 1 3 ? 0.965   -1.570  -7.961  1.00 0.00  ? 3  DG  A "H2''" 1 
ATOM   88  H "H1'"  . DG  A 1 3 ? 2.349   -2.912  -6.443  1.00 0.00  ? 3  DG  A "H1'"  1 
ATOM   89  H H8     . DG  A 1 3 ? 3.847   0.674   -7.483  1.00 0.00  ? 3  DG  A H8     1 
ATOM   90  H H1     . DG  A 1 3 ? 4.639   -0.813  -1.328  1.00 0.00  ? 3  DG  A H1     1 
ATOM   91  H H21    . DG  A 1 3 ? 3.893   -2.902  -0.965  1.00 0.00  ? 3  DG  A H21    1 
ATOM   92  H H22    . DG  A 1 3 ? 2.917   -3.768  -2.146  1.00 0.00  ? 3  DG  A H22    1 
ATOM   93  P P      . DT  A 1 4 ? -0.297  -3.431  -9.649  1.00 19.03 ? 4  DT  A P      1 
ATOM   94  O OP1    . DT  A 1 4 ? -0.847  -4.362  -10.661 1.00 18.12 ? 4  DT  A OP1    1 
ATOM   95  O OP2    . DT  A 1 4 ? -0.547  -1.977  -9.769  1.00 19.27 ? 4  DT  A OP2    1 
ATOM   96  O "O5'"  . DT  A 1 4 ? -0.729  -3.904  -8.177  1.00 15.52 ? 4  DT  A "O5'"  1 
ATOM   97  C "C5'"  . DT  A 1 4 ? -0.132  -5.114  -7.712  1.00 14.40 ? 4  DT  A "C5'"  1 
ATOM   98  C "C4'"  . DT  A 1 4 ? -0.052  -5.215  -6.190  1.00 14.14 ? 4  DT  A "C4'"  1 
ATOM   99  O "O4'"  . DT  A 1 4 ? 0.632   -4.058  -5.688  1.00 13.78 ? 4  DT  A "O4'"  1 
ATOM   100 C "C3'"  . DT  A 1 4 ? -1.384  -5.314  -5.483  1.00 13.97 ? 4  DT  A "C3'"  1 
ATOM   101 O "O3'"  . DT  A 1 4 ? -1.420  -6.644  -4.968  1.00 14.65 ? 4  DT  A "O3'"  1 
ATOM   102 C "C2'"  . DT  A 1 4 ? -1.286  -4.213  -4.413  1.00 13.82 ? 4  DT  A "C2'"  1 
ATOM   103 C "C1'"  . DT  A 1 4 ? 0.196   -3.886  -4.338  1.00 13.33 ? 4  DT  A "C1'"  1 
ATOM   104 N N1     . DT  A 1 4 ? 0.331   -2.506  -3.875  1.00 0.00  ? 4  DT  A N1     1 
ATOM   105 C C2     . DT  A 1 4 ? 0.647   -2.285  -2.551  1.00 0.00  ? 4  DT  A C2     1 
ATOM   106 O O2     . DT  A 1 4 ? 0.655   -3.187  -1.710  1.00 0.00  ? 4  DT  A O2     1 
ATOM   107 N N3     . DT  A 1 4 ? 0.952   -0.976  -2.233  1.00 0.00  ? 4  DT  A N3     1 
ATOM   108 C C4     . DT  A 1 4 ? 0.943   0.102   -3.105  1.00 0.00  ? 4  DT  A C4     1 
ATOM   109 O O4     . DT  A 1 4 ? 1.297   1.214   -2.712  1.00 0.00  ? 4  DT  A O4     1 
ATOM   110 C C5     . DT  A 1 4 ? 0.504   -0.232  -4.449  1.00 0.00  ? 4  DT  A C5     1 
ATOM   111 C C7     . DT  A 1 4 ? 0.434   0.846   -5.525  1.00 0.00  ? 4  DT  A C7     1 
ATOM   112 C C6     . DT  A 1 4 ? 0.171   -1.499  -4.759  1.00 0.00  ? 4  DT  A C6     1 
ATOM   113 H "H5'"  . DT  A 1 4 ? 0.898   -5.072  -8.062  1.00 0.00  ? 4  DT  A "H5'"  1 
ATOM   114 H "H5''" . DT  A 1 4 ? -0.654  -5.936  -8.198  1.00 0.00  ? 4  DT  A "H5''" 1 
ATOM   115 H "H4'"  . DT  A 1 4 ? 0.449   -6.124  -5.842  1.00 0.00  ? 4  DT  A "H4'"  1 
ATOM   116 H "H3'"  . DT  A 1 4 ? -2.225  -5.186  -6.173  1.00 0.00  ? 4  DT  A "H3'"  1 
ATOM   117 H "H2'"  . DT  A 1 4 ? -1.833  -3.318  -4.772  1.00 0.00  ? 4  DT  A "H2'"  1 
ATOM   118 H "H2''" . DT  A 1 4 ? -1.617  -4.465  -3.401  1.00 0.00  ? 4  DT  A "H2''" 1 
ATOM   119 H "H1'"  . DT  A 1 4 ? 0.843   -4.476  -3.691  1.00 0.00  ? 4  DT  A "H1'"  1 
ATOM   120 H H3     . DT  A 1 4 ? 1.210   -0.792  -1.274  1.00 0.00  ? 4  DT  A H3     1 
ATOM   121 H H71    . DT  A 1 4 ? -0.588  0.937   -5.888  1.00 0.00  ? 4  DT  A H71    1 
ATOM   122 H H72    . DT  A 1 4 ? 1.086   0.560   -6.351  1.00 0.00  ? 4  DT  A H72    1 
ATOM   123 H H73    . DT  A 1 4 ? 0.777   1.793   -5.115  1.00 0.00  ? 4  DT  A H73    1 
ATOM   124 H H6     . DT  A 1 4 ? -0.253  -1.823  -5.696  1.00 0.00  ? 4  DT  A H6     1 
ATOM   125 P P      . DA  A 1 5 ? -2.843  -7.280  -4.640  1.00 17.22 ? 5  DA  A P      1 
ATOM   126 O OP1    . DA  A 1 5 ? -2.677  -8.736  -4.422  1.00 18.78 ? 5  DA  A OP1    1 
ATOM   127 O OP2    . DA  A 1 5 ? -3.821  -6.769  -5.629  1.00 18.16 ? 5  DA  A OP2    1 
ATOM   128 O "O5'"  . DA  A 1 5 ? -3.039  -6.548  -3.233  1.00 14.80 ? 5  DA  A "O5'"  1 
ATOM   129 C "C5'"  . DA  A 1 5 ? -2.520  -7.114  -2.022  1.00 14.16 ? 5  DA  A "C5'"  1 
ATOM   130 C "C4'"  . DA  A 1 5 ? -3.334  -6.675  -0.827  1.00 14.18 ? 5  DA  A "C4'"  1 
ATOM   131 O "O4'"  . DA  A 1 5 ? -3.089  -5.279  -0.607  1.00 13.86 ? 5  DA  A "O4'"  1 
ATOM   132 C "C3'"  . DA  A 1 5 ? -4.840  -6.837  -1.037  1.00 14.11 ? 5  DA  A "C3'"  1 
ATOM   133 O "O3'"  . DA  A 1 5 ? -5.515  -6.945  0.233   1.00 14.19 ? 5  DA  A "O3'"  1 
ATOM   134 C "C2'"  . DA  A 1 5 ? -5.085  -5.542  -1.795  1.00 13.88 ? 5  DA  A "C2'"  1 
ATOM   135 C "C1'"  . DA  A 1 5 ? -4.282  -4.567  -0.954  1.00 13.76 ? 5  DA  A "C1'"  1 
ATOM   136 N N9     . DA  A 1 5 ? -3.953  -3.253  -1.525  1.00 0.00  ? 5  DA  A N9     1 
ATOM   137 C C8     . DA  A 1 5 ? -4.152  -2.768  -2.780  1.00 0.00  ? 5  DA  A C8     1 
ATOM   138 N N7     . DA  A 1 5 ? -3.680  -1.563  -2.974  1.00 0.00  ? 5  DA  A N7     1 
ATOM   139 C C5     . DA  A 1 5 ? -3.149  -1.223  -1.729  1.00 0.00  ? 5  DA  A C5     1 
ATOM   140 C C6     . DA  A 1 5 ? -2.501  -0.075  -1.236  1.00 0.00  ? 5  DA  A C6     1 
ATOM   141 N N6     . DA  A 1 5 ? -2.270  1.019   -1.960  1.00 0.00  ? 5  DA  A N6     1 
ATOM   142 N N1     . DA  A 1 5 ? -2.107  -0.096  0.048   1.00 0.00  ? 5  DA  A N1     1 
ATOM   143 C C2     . DA  A 1 5 ? -2.359  -1.160  0.802   1.00 0.00  ? 5  DA  A C2     1 
ATOM   144 N N3     . DA  A 1 5 ? -2.966  -2.279  0.455   1.00 0.00  ? 5  DA  A N3     1 
ATOM   145 C C4     . DA  A 1 5 ? -3.334  -2.244  -0.841  1.00 0.00  ? 5  DA  A C4     1 
ATOM   146 H "H5'"  . DA  A 1 5 ? -1.525  -6.776  -1.777  1.00 0.00  ? 5  DA  A "H5'"  1 
ATOM   147 H "H5''" . DA  A 1 5 ? -2.468  -8.184  -2.139  1.00 0.00  ? 5  DA  A "H5''" 1 
ATOM   148 H "H4'"  . DA  A 1 5 ? -3.013  -7.248  0.037   1.00 0.00  ? 5  DA  A "H4'"  1 
ATOM   149 H "H3'"  . DA  A 1 5 ? -5.077  -7.713  -1.633  1.00 0.00  ? 5  DA  A "H3'"  1 
ATOM   150 H "H2'"  . DA  A 1 5 ? -4.609  -5.642  -2.781  1.00 0.00  ? 5  DA  A "H2'"  1 
ATOM   151 H "H2''" . DA  A 1 5 ? -6.140  -5.291  -1.909  1.00 0.00  ? 5  DA  A "H2''" 1 
ATOM   152 H "H1'"  . DA  A 1 5 ? -4.833  -4.430  -0.046  1.00 0.00  ? 5  DA  A "H1'"  1 
ATOM   153 H H8     . DA  A 1 5 ? -4.669  -3.375  -3.521  1.00 0.00  ? 5  DA  A H8     1 
ATOM   154 H H61    . DA  A 1 5 ? -1.702  1.764   -1.577  1.00 0.00  ? 5  DA  A H61    1 
ATOM   155 H H62    . DA  A 1 5 ? -2.620  1.091   -2.904  1.00 0.00  ? 5  DA  A H62    1 
ATOM   156 H H2     . DA  A 1 5 ? -2.028  -1.119  1.841   1.00 0.00  ? 5  DA  A H2     1 
ATOM   157 P P      . DC  A 1 6 ? -7.100  -6.691  0.409   1.00 16.14 ? 6  DC  A P      1 
ATOM   158 O OP1    . DC  A 1 6 ? -7.649  -7.698  1.346   1.00 16.11 ? 6  DC  A OP1    1 
ATOM   159 O OP2    . DC  A 1 6 ? -7.692  -6.534  -0.940  1.00 17.67 ? 6  DC  A OP2    1 
ATOM   160 O "O5'"  . DC  A 1 6 ? -7.166  -5.266  1.162   1.00 14.20 ? 6  DC  A "O5'"  1 
ATOM   161 C "C5'"  . DC  A 1 6 ? -6.972  -5.171  2.584   1.00 13.44 ? 6  DC  A "C5'"  1 
ATOM   162 C "C4'"  . DC  A 1 6 ? -7.231  -3.741  3.099   1.00 13.37 ? 6  DC  A "C4'"  1 
ATOM   163 O "O4'"  . DC  A 1 6 ? -6.446  -2.851  2.285   1.00 13.07 ? 6  DC  A "O4'"  1 
ATOM   164 C "C3'"  . DC  A 1 6 ? -8.717  -3.312  2.919   1.00 13.46 ? 6  DC  A "C3'"  1 
ATOM   165 O "O3'"  . DC  A 1 6 ? -9.230  -2.659  4.081   1.00 13.81 ? 6  DC  A "O3'"  1 
ATOM   166 C "C2'"  . DC  A 1 6 ? -8.660  -2.369  1.751   1.00 13.08 ? 6  DC  A "C2'"  1 
ATOM   167 C "C1'"  . DC  A 1 6 ? -7.271  -1.758  1.873   1.00 12.62 ? 6  DC  A "C1'"  1 
ATOM   168 N N1     . DC  A 1 6 ? -6.748  -1.139  0.619   1.00 12.21 ? 6  DC  A N1     1 
ATOM   169 C C2     . DC  A 1 6 ? -5.829  -0.117  0.786   1.00 11.82 ? 6  DC  A C2     1 
ATOM   170 O O2     . DC  A 1 6 ? -5.347  0.108   1.893   1.00 11.83 ? 6  DC  A O2     1 
ATOM   171 N N3     . DC  A 1 6 ? -5.463  0.619   -0.297  1.00 11.75 ? 6  DC  A N3     1 
ATOM   172 C C4     . DC  A 1 6 ? -5.929  0.346   -1.525  1.00 11.89 ? 6  DC  A C4     1 
ATOM   173 N N4     . DC  A 1 6 ? -5.592  1.143   -2.543  1.00 11.76 ? 6  DC  A N4     1 
ATOM   174 C C5     . DC  A 1 6 ? -6.784  -0.778  -1.753  1.00 11.92 ? 6  DC  A C5     1 
ATOM   175 C C6     . DC  A 1 6 ? -7.152  -1.517  -0.642  1.00 12.12 ? 6  DC  A C6     1 
ATOM   176 H "H5'"  . DC  A 1 6 ? -5.980  -5.558  2.833   1.00 0.00  ? 6  DC  A "H5'"  1 
ATOM   177 H "H5''" . DC  A 1 6 ? -7.694  -5.834  3.044   1.00 0.00  ? 6  DC  A "H5''" 1 
ATOM   178 H "H4'"  . DC  A 1 6 ? -6.929  -3.561  4.148   1.00 0.00  ? 6  DC  A "H4'"  1 
ATOM   179 H "H3'"  . DC  A 1 6 ? -9.387  -4.141  2.687   1.00 0.00  ? 6  DC  A "H3'"  1 
ATOM   180 H "H2'"  . DC  A 1 6 ? -8.817  -2.961  0.843   1.00 0.00  ? 6  DC  A "H2'"  1 
ATOM   181 H "H2''" . DC  A 1 6 ? -9.416  -1.593  1.806   1.00 0.00  ? 6  DC  A "H2''" 1 
ATOM   182 H "H1'"  . DC  A 1 6 ? -7.281  -1.009  2.683   1.00 0.00  ? 6  DC  A "H1'"  1 
ATOM   183 H H41    . DC  A 1 6 ? -5.086  1.993   -2.332  1.00 0.00  ? 6  DC  A H41    1 
ATOM   184 H H42    . DC  A 1 6 ? -5.836  0.912   -3.497  1.00 0.00  ? 6  DC  A H42    1 
ATOM   185 H H5     . DC  A 1 6 ? -7.125  -1.029  -2.739  1.00 0.00  ? 6  DC  A H5     1 
ATOM   186 H H6     . DC  A 1 6 ? -7.747  -2.392  -0.812  1.00 0.00  ? 6  DC  A H6     1 
ATOM   187 P P      . DG  A 1 7 ? -9.752  -3.498  5.359   1.00 16.15 ? 7  DG  A P      1 
ATOM   188 O OP1    . DG  A 1 7 ? -8.819  -4.623  5.597   1.00 17.60 ? 7  DG  A OP1    1 
ATOM   189 O OP2    . DG  A 1 7 ? -11.197 -3.761  5.179   1.00 16.02 ? 7  DG  A OP2    1 
ATOM   190 O "O5'"  . DG  A 1 7 ? -9.578  -2.429  6.560   1.00 13.66 ? 7  DG  A "O5'"  1 
ATOM   191 C "C5'"  . DG  A 1 7 ? -8.295  -1.811  6.739   1.00 12.96 ? 7  DG  A "C5'"  1 
ATOM   192 C "C4'"  . DG  A 1 7 ? -8.239  -0.501  7.470   1.00 0.00  ? 7  DG  A "C4'"  1 
ATOM   193 O "O4'"  . DG  A 1 7 ? -8.341  0.517   6.483   1.00 0.00  ? 7  DG  A "O4'"  1 
ATOM   194 C "C3'"  . DG  A 1 7 ? -9.311  -0.365  8.501   1.00 0.00  ? 7  DG  A "C3'"  1 
ATOM   195 O "O3'"  . DG  A 1 7 ? -8.901  0.190   9.756   1.00 0.00  ? 7  DG  A "O3'"  1 
ATOM   196 C "C2'"  . DG  A 1 7 ? -10.309 0.417   7.684   1.00 0.00  ? 7  DG  A "C2'"  1 
ATOM   197 C "C1'"  . DG  A 1 7 ? -9.467  1.303   6.791   1.00 0.00  ? 7  DG  A "C1'"  1 
ATOM   198 N N9     . DG  A 1 7 ? -10.031 1.709   5.499   1.00 10.97 ? 7  DG  A N9     1 
ATOM   199 C C8     . DG  A 1 7 ? -10.787 0.999   4.609   1.00 10.84 ? 7  DG  A C8     1 
ATOM   200 N N7     . DG  A 1 7 ? -11.027 1.626   3.494   1.00 10.63 ? 7  DG  A N7     1 
ATOM   201 C C5     . DG  A 1 7 ? -10.431 2.869   3.691   1.00 10.19 ? 7  DG  A C5     1 
ATOM   202 C C6     . DG  A 1 7 ? -10.366 3.987   2.832   1.00 9.88  ? 7  DG  A C6     1 
ATOM   203 O O6     . DG  A 1 7 ? -10.864 4.106   1.717   1.00 9.66  ? 7  DG  A O6     1 
ATOM   204 N N1     . DG  A 1 7 ? -9.634  5.021   3.403   1.00 9.39  ? 7  DG  A N1     1 
ATOM   205 C C2     . DG  A 1 7 ? -9.083  5.011   4.673   1.00 9.39  ? 7  DG  A C2     1 
ATOM   206 N N2     . DG  A 1 7 ? -8.462  6.126   5.068   1.00 9.10  ? 7  DG  A N2     1 
ATOM   207 N N3     . DG  A 1 7 ? -9.160  3.959   5.492   1.00 9.91  ? 7  DG  A N3     1 
ATOM   208 C C4     . DG  A 1 7 ? -9.837  2.930   4.924   1.00 10.46 ? 7  DG  A C4     1 
ATOM   209 H "H5'"  . DG  A 1 7 ? -8.189  -1.402  5.759   1.00 0.00  ? 7  DG  A "H5'"  1 
ATOM   210 H "H5''" . DG  A 1 7 ? -7.446  -2.435  6.966   1.00 0.00  ? 7  DG  A "H5''" 1 
ATOM   211 H "H4'"  . DG  A 1 7 ? -7.329  -0.336  8.019   1.00 0.00  ? 7  DG  A "H4'"  1 
ATOM   212 H "H3'"  . DG  A 1 7 ? -9.591  -1.381  8.703   1.00 0.00  ? 7  DG  A "H3'"  1 
ATOM   213 H "H2'"  . DG  A 1 7 ? -10.837 -0.316  7.078   1.00 0.00  ? 7  DG  A "H2'"  1 
ATOM   214 H "H2''" . DG  A 1 7 ? -10.945 1.014   8.329   1.00 0.00  ? 7  DG  A "H2''" 1 
ATOM   215 H "H1'"  . DG  A 1 7 ? -9.091  2.158   7.315   1.00 0.00  ? 7  DG  A "H1'"  1 
ATOM   216 H H8     . DG  A 1 7 ? -11.147 0.001   4.852   1.00 0.00  ? 7  DG  A H8     1 
ATOM   217 H H1     . DG  A 1 7 ? -9.503  5.828   2.812   1.00 0.00  ? 7  DG  A H1     1 
ATOM   218 H H21    . DG  A 1 7 ? -8.341  6.876   4.398   1.00 0.00  ? 7  DG  A H21    1 
ATOM   219 H H22    . DG  A 1 7 ? -8.140  6.216   6.022   1.00 0.00  ? 7  DG  A H22    1 
ATOM   220 P P      . DT  A 1 8 ? -9.976  0.795   10.794  1.00 0.00  ? 8  DT  A P      1 
ATOM   221 O OP1    . DT  A 1 8 ? -9.381  0.822   12.148  1.00 0.00  ? 8  DT  A OP1    1 
ATOM   222 O OP2    . DT  A 1 8 ? -11.298 0.168   10.568  1.00 0.00  ? 8  DT  A OP2    1 
ATOM   223 O "O5'"  . DT  A 1 8 ? -10.017 2.295   10.220  1.00 0.00  ? 8  DT  A "O5'"  1 
ATOM   224 C "C5'"  . DT  A 1 8 ? -8.812  3.048   10.348  1.00 0.00  ? 8  DT  A "C5'"  1 
ATOM   225 C "C4'"  . DT  A 1 8 ? -9.001  4.529   10.040  1.00 0.00  ? 8  DT  A "C4'"  1 
ATOM   226 O "O4'"  . DT  A 1 8 ? -9.442  4.617   8.687   1.00 0.00  ? 8  DT  A "O4'"  1 
ATOM   227 C "C3'"  . DT  A 1 8 ? -10.037 5.227   10.931  1.00 0.00  ? 8  DT  A "C3'"  1 
ATOM   228 O "O3'"  . DT  A 1 8 ? -9.475  6.426   11.478  1.00 0.00  ? 8  DT  A "O3'"  1 
ATOM   229 C "C2'"  . DT  A 1 8 ? -11.131 5.573   9.934   1.00 0.00  ? 8  DT  A "C2'"  1 
ATOM   230 C "C1'"  . DT  A 1 8 ? -10.418 5.647   8.595   1.00 0.00  ? 8  DT  A "C1'"  1 
ATOM   231 N N1     . DT  A 1 8 ? -11.287 5.298   7.459   1.00 0.00  ? 8  DT  A N1     1 
ATOM   232 C C2     . DT  A 1 8 ? -11.486 6.209   6.436   1.00 0.00  ? 8  DT  A C2     1 
ATOM   233 O O2     . DT  A 1 8 ? -11.052 7.359   6.451   1.00 0.00  ? 8  DT  A O2     1 
ATOM   234 N N3     . DT  A 1 8 ? -12.224 5.741   5.363   1.00 0.00  ? 8  DT  A N3     1 
ATOM   235 C C4     . DT  A 1 8 ? -12.827 4.502   5.256   1.00 0.00  ? 8  DT  A C4     1 
ATOM   236 O O4     . DT  A 1 8 ? -13.448 4.206   4.235   1.00 0.00  ? 8  DT  A O4     1 
ATOM   237 C C5     . DT  A 1 8 ? -12.635 3.664   6.422   1.00 0.00  ? 8  DT  A C5     1 
ATOM   238 C C7     . DT  A 1 8 ? -13.308 2.310   6.542   1.00 0.00  ? 8  DT  A C7     1 
ATOM   239 C C6     . DT  A 1 8 ? -11.861 4.064   7.436   1.00 0.00  ? 8  DT  A C6     1 
ATOM   240 H "H5'"  . DT  A 1 8 ? -8.094  2.685   9.618   1.00 0.00  ? 8  DT  A "H5'"  1 
ATOM   241 H "H5''" . DT  A 1 8 ? -8.447  2.818   11.346  1.00 0.00  ? 8  DT  A "H5''" 1 
ATOM   242 H "H4'"  . DT  A 1 8 ? -8.074  5.096   10.076  1.00 0.00  ? 8  DT  A "H4'"  1 
ATOM   243 H "H3'"  . DT  A 1 8 ? -10.379 4.494   11.674  1.00 0.00  ? 8  DT  A "H3'"  1 
ATOM   244 H "HO3'" . DT  A 1 8 ? -9.346  7.051   10.757  1.00 0.00  ? 8  DT  A "HO3'" 1 
ATOM   245 H "H2'"  . DT  A 1 8 ? -11.838 4.745   9.953   1.00 0.00  ? 8  DT  A "H2'"  1 
ATOM   246 H "H2''" . DT  A 1 8 ? -11.641 6.530   10.107  1.00 0.00  ? 8  DT  A "H2''" 1 
ATOM   247 H "H1'"  . DT  A 1 8 ? -9.925  6.597   8.459   1.00 0.00  ? 8  DT  A "H1'"  1 
ATOM   248 H H3     . DT  A 1 8 ? -12.329 6.358   4.571   1.00 0.00  ? 8  DT  A H3     1 
ATOM   249 H H71    . DT  A 1 8 ? -13.958 2.332   7.417   1.00 0.00  ? 8  DT  A H71    1 
ATOM   250 H H72    . DT  A 1 8 ? -12.539 1.550   6.688   1.00 0.00  ? 8  DT  A H72    1 
ATOM   251 H H73    . DT  A 1 8 ? -13.873 2.110   5.637   1.00 0.00  ? 8  DT  A H73    1 
ATOM   252 H H6     . DT  A 1 8 ? -11.657 3.420   8.272   1.00 0.00  ? 8  DT  A H6     1 
ATOM   253 O "O5'"  . DA  B 1 1 ? -13.796 13.275  -2.054  1.00 0.00  ? 9  DA  B "O5'"  1 
ATOM   254 C "C5'"  . DA  B 1 1 ? -13.184 14.134  -1.081  1.00 0.00  ? 9  DA  B "C5'"  1 
ATOM   255 C "C4'"  . DA  B 1 1 ? -11.889 13.542  -0.495  1.00 0.00  ? 9  DA  B "C4'"  1 
ATOM   256 O "O4'"  . DA  B 1 1 ? -12.283 12.332  0.158   1.00 0.00  ? 9  DA  B "O4'"  1 
ATOM   257 C "C3'"  . DA  B 1 1 ? -10.807 13.262  -1.527  1.00 0.00  ? 9  DA  B "C3'"  1 
ATOM   258 O "O3'"  . DA  B 1 1 ? -9.744  14.203  -1.304  1.00 0.00  ? 9  DA  B "O3'"  1 
ATOM   259 C "C2'"  . DA  B 1 1 ? -10.483 11.784  -1.199  1.00 0.00  ? 9  DA  B "C2'"  1 
ATOM   260 C "C1'"  . DA  B 1 1 ? -11.220 11.391  0.115   1.00 0.00  ? 9  DA  B "C1'"  1 
ATOM   261 N N9     . DA  B 1 1 ? -11.927 10.087  0.137   1.00 0.00  ? 9  DA  B N9     1 
ATOM   262 C C8     . DA  B 1 1 ? -12.749 9.511   -0.800  1.00 0.00  ? 9  DA  B C8     1 
ATOM   263 N N7     . DA  B 1 1 ? -13.233 8.350   -0.458  1.00 0.00  ? 9  DA  B N7     1 
ATOM   264 C C5     . DA  B 1 1 ? -12.723 8.150   0.822   1.00 0.00  ? 9  DA  B C5     1 
ATOM   265 C C6     . DA  B 1 1 ? -12.880 7.115   1.759   1.00 0.00  ? 9  DA  B C6     1 
ATOM   266 N N6     . DA  B 1 1 ? -13.643 6.040   1.564   1.00 0.00  ? 9  DA  B N6     1 
ATOM   267 N N1     . DA  B 1 1 ? -12.220 7.236   2.921   1.00 0.00  ? 9  DA  B N1     1 
ATOM   268 C C2     . DA  B 1 1 ? -11.468 8.306   3.150   1.00 0.00  ? 9  DA  B C2     1 
ATOM   269 N N3     . DA  B 1 1 ? -11.250 9.339   2.353   1.00 0.00  ? 9  DA  B N3     1 
ATOM   270 C C4     . DA  B 1 1 ? -11.916 9.194   1.185   1.00 0.00  ? 9  DA  B C4     1 
ATOM   271 H "H5'"  . DA  B 1 1 ? -14.663 13.636  -2.263  1.00 0.00  ? 9  DA  B "H5'"  1 
ATOM   272 H "H5''" . DA  B 1 1 ? -13.018 15.111  -1.535  1.00 0.00  ? 9  DA  B "H5''" 1 
ATOM   273 H "H4'"  . DA  B 1 1 ? -11.327 14.149  0.222   1.00 0.00  ? 9  DA  B "H4'"  1 
ATOM   274 H "H3'"  . DA  B 1 1 ? -11.160 13.453  -2.553  1.00 0.00  ? 9  DA  B "H3'"  1 
ATOM   275 H "H2'"  . DA  B 1 1 ? -10.875 11.221  -2.042  1.00 0.00  ? 9  DA  B "H2'"  1 
ATOM   276 H "H2''" . DA  B 1 1 ? -9.415  11.606  -1.092  1.00 0.00  ? 9  DA  B "H2''" 1 
ATOM   277 H "H1'"  . DA  B 1 1 ? -10.606 11.405  1.028   1.00 0.00  ? 9  DA  B "H1'"  1 
ATOM   278 H H8     . DA  B 1 1 ? -12.998 9.983   -1.748  1.00 0.00  ? 9  DA  B H8     1 
ATOM   279 H H61    . DA  B 1 1 ? -13.678 5.354   2.305   1.00 0.00  ? 9  DA  B H61    1 
ATOM   280 H H62    . DA  B 1 1 ? -14.165 5.912   0.708   1.00 0.00  ? 9  DA  B H62    1 
ATOM   281 H H2     . DA  B 1 1 ? -10.971 8.332   4.122   1.00 0.00  ? 9  DA  B H2     1 
ATOM   282 P P      . DC  B 1 2 ? -8.396  14.331  -2.194  1.00 0.00  ? 10 DC  B P      1 
ATOM   283 O OP1    . DC  B 1 2 ? -7.962  15.748  -2.190  1.00 0.00  ? 10 DC  B OP1    1 
ATOM   284 O OP2    . DC  B 1 2 ? -8.620  13.633  -3.481  1.00 0.00  ? 10 DC  B OP2    1 
ATOM   285 O "O5'"  . DC  B 1 2 ? -7.356  13.473  -1.320  1.00 0.00  ? 10 DC  B "O5'"  1 
ATOM   286 C "C5'"  . DC  B 1 2 ? -7.257  13.690  0.095   1.00 0.00  ? 10 DC  B "C5'"  1 
ATOM   287 C "C4'"  . DC  B 1 2 ? -6.974  12.367  0.828   1.00 0.00  ? 10 DC  B "C4'"  1 
ATOM   288 O "O4'"  . DC  B 1 2 ? -7.985  11.366  0.607   1.00 0.00  ? 10 DC  B "O4'"  1 
ATOM   289 C "C3'"  . DC  B 1 2 ? -5.623  11.673  0.622   1.00 0.00  ? 10 DC  B "C3'"  1 
ATOM   290 O "O3'"  . DC  B 1 2 ? -4.745  12.040  1.692   1.00 13.67 ? 10 DC  B "O3'"  1 
ATOM   291 C "C2'"  . DC  B 1 2 ? -6.037  10.183  0.624   1.00 0.00  ? 10 DC  B "C2'"  1 
ATOM   292 C "C1'"  . DC  B 1 2 ? -7.459  10.133  1.143   1.00 0.00  ? 10 DC  B "C1'"  1 
ATOM   293 N N1     . DC  B 1 2 ? -8.194  8.933   0.675   1.00 11.36 ? 10 DC  B N1     1 
ATOM   294 C C2     . DC  B 1 2 ? -8.549  7.966   1.609   1.00 10.85 ? 10 DC  B C2     1 
ATOM   295 O O2     . DC  B 1 2 ? -8.190  8.056   2.783   1.00 10.28 ? 10 DC  B O2     1 
ATOM   296 N N3     . DC  B 1 2 ? -9.296  6.904   1.199   1.00 10.40 ? 10 DC  B N3     1 
ATOM   297 C C4     . DC  B 1 2 ? -9.679  6.761   -0.079  1.00 10.73 ? 10 DC  B C4     1 
ATOM   298 N N4     . DC  B 1 2 ? -10.426 5.713   -0.434  1.00 10.55 ? 10 DC  B N4     1 
ATOM   299 C C5     . DC  B 1 2 ? -9.293  7.722   -1.064  1.00 10.92 ? 10 DC  B C5     1 
ATOM   300 C C6     . DC  B 1 2 ? -8.520  8.788   -0.635  1.00 11.07 ? 10 DC  B C6     1 
ATOM   301 H "H5'"  . DC  B 1 2 ? -8.242  13.927  0.471   1.00 0.00  ? 10 DC  B "H5'"  1 
ATOM   302 H "H5''" . DC  B 1 2 ? -6.657  14.585  0.357   1.00 0.00  ? 10 DC  B "H5''" 1 
ATOM   303 H "H4'"  . DC  B 1 2 ? -7.053  12.603  1.870   1.00 0.00  ? 10 DC  B "H4'"  1 
ATOM   304 H "H3'"  . DC  B 1 2 ? -5.152  11.922  -0.334  1.00 0.00  ? 10 DC  B "H3'"  1 
ATOM   305 H "H2'"  . DC  B 1 2 ? -6.070  9.850   -0.412  1.00 0.00  ? 10 DC  B "H2'"  1 
ATOM   306 H "H2''" . DC  B 1 2 ? -5.418  9.492   1.194   1.00 0.00  ? 10 DC  B "H2''" 1 
ATOM   307 H "H1'"  . DC  B 1 2 ? -7.473  10.063  2.233   1.00 0.00  ? 10 DC  B "H1'"  1 
ATOM   308 H H41    . DC  B 1 2 ? -10.669 5.037   0.279   1.00 0.00  ? 10 DC  B H41    1 
ATOM   309 H H42    . DC  B 1 2 ? -10.748 5.595   -1.387  1.00 0.00  ? 10 DC  B H42    1 
ATOM   310 H H5     . DC  B 1 2 ? -9.593  7.613   -2.085  1.00 0.00  ? 10 DC  B H5     1 
ATOM   311 H H6     . DC  B 1 2 ? -8.143  9.526   -1.312  1.00 0.00  ? 10 DC  B H6     1 
ATOM   312 P P      . DG  B 1 3 ? -3.197  11.617  1.676   1.00 19.59 ? 11 DG  B P      1 
ATOM   313 O OP1    . DG  B 1 3 ? -2.454  12.503  2.602   1.00 18.14 ? 11 DG  B OP1    1 
ATOM   314 O OP2    . DG  B 1 3 ? -2.765  11.497  0.263   1.00 19.23 ? 11 DG  B OP2    1 
ATOM   315 O "O5'"  . DG  B 1 3 ? -3.272  10.146  2.314   1.00 15.15 ? 11 DG  B "O5'"  1 
ATOM   316 C "C5'"  . DG  B 1 3 ? -3.553  9.953   3.709   1.00 14.39 ? 11 DG  B "C5'"  1 
ATOM   317 C "C4'"  . DG  B 1 3 ? -2.701  8.828   4.285   1.00 14.07 ? 11 DG  B "C4'"  1 
ATOM   318 O "O4'"  . DG  B 1 3 ? -3.128  7.657   3.577   1.00 13.58 ? 11 DG  B "O4'"  1 
ATOM   319 C "C3'"  . DG  B 1 3 ? -1.199  9.009   4.119   1.00 13.93 ? 11 DG  B "C3'"  1 
ATOM   320 O "O3'"  . DG  B 1 3 ? -0.436  8.824   5.324   1.00 14.60 ? 11 DG  B "O3'"  1 
ATOM   321 C "C2'"  . DG  B 1 3 ? -0.937  8.038   2.972   1.00 13.55 ? 11 DG  B "C2'"  1 
ATOM   322 C "C1'"  . DG  B 1 3 ? -2.021  6.953   3.042   1.00 12.88 ? 11 DG  B "C1'"  1 
ATOM   323 N N9     . DG  B 1 3 ? -2.489  6.429   1.715   1.00 12.11 ? 11 DG  B N9     1 
ATOM   324 C C8     . DG  B 1 3 ? -2.615  7.067   0.495   1.00 11.76 ? 11 DG  B C8     1 
ATOM   325 N N7     . DG  B 1 3 ? -3.111  6.333   -0.458  1.00 11.74 ? 11 DG  B N7     1 
ATOM   326 C C5     . DG  B 1 3 ? -3.348  5.112   0.159   1.00 11.28 ? 11 DG  B C5     1 
ATOM   327 C C6     . DG  B 1 3 ? -3.920  3.920   -0.369  1.00 11.01 ? 11 DG  B C6     1 
ATOM   328 O O6     . DG  B 1 3 ? -4.332  3.700   -1.508  1.00 10.88 ? 11 DG  B O6     1 
ATOM   329 N N1     . DG  B 1 3 ? -3.993  2.928   0.594   1.00 10.47 ? 11 DG  B N1     1 
ATOM   330 C C2     . DG  B 1 3 ? -3.539  3.050   1.890   1.00 10.62 ? 11 DG  B C2     1 
ATOM   331 N N2     . DG  B 1 3 ? -3.649  1.993   2.683   1.00 10.27 ? 11 DG  B N2     1 
ATOM   332 N N3     . DG  B 1 3 ? -2.998  4.158   2.378   1.00 10.86 ? 11 DG  B N3     1 
ATOM   333 C C4     . DG  B 1 3 ? -2.943  5.153   1.470   1.00 11.48 ? 11 DG  B C4     1 
ATOM   334 H "H5'"  . DG  B 1 3 ? -4.555  9.585   3.811   1.00 0.00  ? 11 DG  B "H5'"  1 
ATOM   335 H "H5''" . DG  B 1 3 ? -3.560  10.893  4.248   1.00 0.00  ? 11 DG  B "H5''" 1 
ATOM   336 H "H4'"  . DG  B 1 3 ? -2.866  8.657   5.346   1.00 0.00  ? 11 DG  B "H4'"  1 
ATOM   337 H "H3'"  . DG  B 1 3 ? -1.032  10.049  3.852   1.00 0.00  ? 11 DG  B "H3'"  1 
ATOM   338 H "H2'"  . DG  B 1 3 ? -1.099  8.659   2.087   1.00 0.00  ? 11 DG  B "H2'"  1 
ATOM   339 H "H2''" . DG  B 1 3 ? 0.058   7.586   3.026   1.00 0.00  ? 11 DG  B "H2''" 1 
ATOM   340 H "H1'"  . DG  B 1 3 ? -1.798  6.166   3.773   1.00 0.00  ? 11 DG  B "H1'"  1 
ATOM   341 H H8     . DG  B 1 3 ? -2.350  8.099   0.288   1.00 0.00  ? 11 DG  B H8     1 
ATOM   342 H H1     . DG  B 1 3 ? -4.425  2.064   0.297   1.00 0.00  ? 11 DG  B H1     1 
ATOM   343 H H21    . DG  B 1 3 ? -4.185  1.198   2.357   1.00 0.00  ? 11 DG  B H21    1 
ATOM   344 H H22    . DG  B 1 3 ? -3.222  1.988   3.602   1.00 0.00  ? 11 DG  B H22    1 
ATOM   345 P P      . DT  B 1 4 ? 1.179   8.635   5.384   1.00 19.02 ? 12 DT  B P      1 
ATOM   346 O OP1    . DT  B 1 4 ? 1.690   9.337   6.584   1.00 18.12 ? 12 DT  B OP1    1 
ATOM   347 O OP2    . DT  B 1 4 ? 1.734   8.954   4.049   1.00 19.27 ? 12 DT  B OP2    1 
ATOM   348 O "O5'"  . DT  B 1 4 ? 1.255   7.047   5.603   1.00 15.52 ? 12 DT  B "O5'"  1 
ATOM   349 C "C5'"  . DT  B 1 4 ? 0.361   6.507   6.579   1.00 14.40 ? 12 DT  B "C5'"  1 
ATOM   350 C "C4'"  . DT  B 1 4 ? 0.014   5.038   6.340   1.00 14.14 ? 12 DT  B "C4'"  1 
ATOM   351 O "O4'"  . DT  B 1 4 ? -0.497  4.891   5.007   1.00 13.78 ? 12 DT  B "O4'"  1 
ATOM   352 C "C3'"  . DT  B 1 4 ? 1.166   4.072   6.507   1.00 13.97 ? 12 DT  B "C3'"  1 
ATOM   353 O "O3'"  . DT  B 1 4 ? 0.847   3.332   7.683   1.00 14.65 ? 12 DT  B "O3'"  1 
ATOM   354 C "C2'"  . DT  B 1 4 ? 1.111   3.253   5.206   1.00 13.82 ? 12 DT  B "C2'"  1 
ATOM   355 C "C1'"  . DT  B 1 4 ? -0.267  3.531   4.631   1.00 13.33 ? 12 DT  B "C1'"  1 
ATOM   356 N N1     . DT  B 1 4 ? -0.192  3.359   3.177   1.00 0.00  ? 12 DT  B N1     1 
ATOM   357 C C2     . DT  B 1 4 ? -0.668  2.184   2.632   1.00 0.00  ? 12 DT  B C2     1 
ATOM   358 O O2     . DT  B 1 4 ? -0.992  1.216   3.324   1.00 0.00  ? 12 DT  B O2     1 
ATOM   359 N N3     . DT  B 1 4 ? -0.748  2.169   1.254   1.00 0.00  ? 12 DT  B N3     1 
ATOM   360 C C4     . DT  B 1 4 ? -0.379  3.197   0.399   1.00 0.00  ? 12 DT  B C4     1 
ATOM   361 O O4     . DT  B 1 4 ? -0.563  3.082   -0.813  1.00 0.00  ? 12 DT  B O4     1 
ATOM   362 C C5     . DT  B 1 4 ? 0.199   4.347   1.071   1.00 0.00  ? 12 DT  B C5     1 
ATOM   363 C C7     . DT  B 1 4 ? 0.668   5.555   0.251   1.00 0.00  ? 12 DT  B C7     1 
ATOM   364 C C6     . DT  B 1 4 ? 0.311   4.359   2.416   1.00 0.00  ? 12 DT  B C6     1 
ATOM   365 H "H5'"  . DT  B 1 4 ? -0.569  7.065   6.482   1.00 0.00  ? 12 DT  B "H5'"  1 
ATOM   366 H "H5''" . DT  B 1 4 ? 0.794   6.719   7.555   1.00 0.00  ? 12 DT  B "H5''" 1 
ATOM   367 H "H4'"  . DT  B 1 4 ? -0.708  4.640   7.057   1.00 0.00  ? 12 DT  B "H4'"  1 
ATOM   368 H "H3'"  . DT  B 1 4 ? 2.119   4.584   6.679   1.00 0.00  ? 12 DT  B "H3'"  1 
ATOM   369 H "H2'"  . DT  B 1 4 ? 1.865   3.657   4.504   1.00 0.00  ? 12 DT  B "H2'"  1 
ATOM   370 H "H2''" . DT  B 1 4 ? 1.212   2.167   5.300   1.00 0.00  ? 12 DT  B "H2''" 1 
ATOM   371 H "H1'"  . DT  B 1 4 ? -1.109  2.926   4.971   1.00 0.00  ? 12 DT  B "H1'"  1 
ATOM   372 H H3     . DT  B 1 4 ? -1.119  1.329   0.832   1.00 0.00  ? 12 DT  B H3     1 
ATOM   373 H H71    . DT  B 1 4 ? 1.736   5.718   0.391   1.00 0.00  ? 12 DT  B H71    1 
ATOM   374 H H72    . DT  B 1 4 ? 0.123   6.442   0.572   1.00 0.00  ? 12 DT  B H72    1 
ATOM   375 H H73    . DT  B 1 4 ? 0.465   5.394   -0.810  1.00 0.00  ? 12 DT  B H73    1 
ATOM   376 H H6     . DT  B 1 4 ? 0.800   5.122   3.003   1.00 0.00  ? 12 DT  B H6     1 
ATOM   377 P P      . DA  B 1 5 ? 2.041   2.619   8.463   1.00 17.22 ? 13 DA  B P      1 
ATOM   378 O OP1    . DA  B 1 5 ? 1.552   2.187   9.792   1.00 18.78 ? 13 DA  B OP1    1 
ATOM   379 O OP2    . DA  B 1 5 ? 3.252   3.467   8.338   1.00 18.16 ? 13 DA  B OP2    1 
ATOM   380 O "O5'"  . DA  B 1 5 ? 2.147   1.353   7.492   1.00 14.80 ? 13 DA  B "O5'"  1 
ATOM   381 C "C5'"  . DA  B 1 5 ? 1.332   0.191   7.697   1.00 14.16 ? 13 DA  B "C5'"  1 
ATOM   382 C "C4'"  . DA  B 1 5 ? 2.009   -1.045  7.158   1.00 14.18 ? 13 DA  B "C4'"  1 
ATOM   383 O "O4'"  . DA  B 1 5 ? 2.019   -0.965  5.726   1.00 13.86 ? 13 DA  B "O4'"  1 
ATOM   384 C "C3'"  . DA  B 1 5 ? 3.466   -1.176  7.608   1.00 14.11 ? 13 DA  B "C3'"  1 
ATOM   385 O "O3'"  . DA  B 1 5 ? 3.889   -2.555  7.556   1.00 14.19 ? 13 DA  B "O3'"  1 
ATOM   386 C "C2'"  . DA  B 1 5 ? 4.088   -0.267  6.560   1.00 13.88 ? 13 DA  B "C2'"  1 
ATOM   387 C "C1'"  . DA  B 1 5 ? 3.373   -0.746  5.310   1.00 13.76 ? 13 DA  B "C1'"  1 
ATOM   388 N N9     . DA  B 1 5 ? 3.415   0.100   4.109   1.00 0.00  ? 13 DA  B N9     1 
ATOM   389 C C8     . DA  B 1 5 ? 3.916   1.354   3.939   1.00 0.00  ? 13 DA  B C8     1 
ATOM   390 N N7     . DA  B 1 5 ? 3.730   1.850   2.743   1.00 0.00  ? 13 DA  B N7     1 
ATOM   391 C C5     . DA  B 1 5 ? 3.080   0.818   2.064   1.00 0.00  ? 13 DA  B C5     1 
ATOM   392 C C6     . DA  B 1 5 ? 2.603   0.675   0.747   1.00 0.00  ? 13 DA  B C6     1 
ATOM   393 N N6     . DA  B 1 5 ? 2.720   1.611   -0.194  1.00 0.00  ? 13 DA  B N6     1 
ATOM   394 N N1     . DA  B 1 5 ? 2.007   -0.486  0.433   1.00 0.00  ? 13 DA  B N1     1 
ATOM   395 C C2     . DA  B 1 5 ? 1.914   -1.449  1.342   1.00 0.00  ? 13 DA  B C2     1 
ATOM   396 N N3     . DA  B 1 5 ? 2.331   -1.437  2.592   1.00 0.00  ? 13 DA  B N3     1 
ATOM   397 C C4     . DA  B 1 5 ? 2.907   -0.255  2.892   1.00 0.00  ? 13 DA  B C4     1 
ATOM   398 H "H5'"  . DA  B 1 5 ? 0.400   0.216   7.153   1.00 0.00  ? 13 DA  B "H5'"  1 
ATOM   399 H "H5''" . DA  B 1 5 ? 1.086   0.127   8.744   1.00 0.00  ? 13 DA  B "H5''" 1 
ATOM   400 H "H4'"  . DA  B 1 5 ? 1.435   -1.909  7.477   1.00 0.00  ? 13 DA  B "H4'"  1 
ATOM   401 H "H3'"  . DA  B 1 5 ? 3.617   -0.802  8.616   1.00 0.00  ? 13 DA  B "H3'"  1 
ATOM   402 H "H2'"  . DA  B 1 5 ? 3.772   0.761   6.784   1.00 0.00  ? 13 DA  B "H2'"  1 
ATOM   403 H "H2''" . DA  B 1 5 ? 5.178   -0.328  6.519   1.00 0.00  ? 13 DA  B "H2''" 1 
ATOM   404 H "H1'"  . DA  B 1 5 ? 3.783   -1.707  5.079   1.00 0.00  ? 13 DA  B "H1'"  1 
ATOM   405 H H8     . DA  B 1 5 ? 4.426   1.847   4.765   1.00 0.00  ? 13 DA  B H8     1 
ATOM   406 H H61    . DA  B 1 5 ? 2.257   1.486   -1.086  1.00 0.00  ? 13 DA  B H61    1 
ATOM   407 H H62    . DA  B 1 5 ? 3.226   2.462   -0.007  1.00 0.00  ? 13 DA  B H62    1 
ATOM   408 H H2     . DA  B 1 5 ? 1.435   -2.376  1.029   1.00 0.00  ? 13 DA  B H2     1 
ATOM   409 P P      . DC  B 1 6 ? 5.441   -2.996  7.536   1.00 16.14 ? 14 DC  B P      1 
ATOM   410 O OP1    . DC  B 1 6 ? 5.615   -4.187  8.401   1.00 16.11 ? 14 DC  B OP1    1 
ATOM   411 O OP2    . DC  B 1 6 ? 6.266   -1.787  7.766   1.00 17.67 ? 14 DC  B OP2    1 
ATOM   412 O "O5'"  . DC  B 1 6 ? 5.668   -3.485  6.016   1.00 14.20 ? 14 DC  B "O5'"  1 
ATOM   413 C "C5'"  . DC  B 1 6 ? 5.268   -4.800  5.594   1.00 13.44 ? 14 DC  B "C5'"  1 
ATOM   414 C "C4'"  . DC  B 1 6 ? 5.721   -5.098  4.149   1.00 13.37 ? 14 DC  B "C4'"  1 
ATOM   415 O "O4'"  . DC  B 1 6 ? 5.275   -3.999  3.334   1.00 13.07 ? 14 DC  B "O4'"  1 
ATOM   416 C "C3'"  . DC  B 1 6 ? 7.272   -5.146  4.020   1.00 13.46 ? 14 DC  B "C3'"  1 
ATOM   417 O "O3'"  . DC  B 1 6 ? 7.708   -6.255  3.233   1.00 13.81 ? 14 DC  B "O3'"  1 
ATOM   418 C "C2'"  . DC  B 1 6 ? 7.597   -3.844  3.347   1.00 13.08 ? 14 DC  B "C2'"  1 
ATOM   419 C "C1'"  . DC  B 1 6 ? 6.359   -3.575  2.503   1.00 12.62 ? 14 DC  B "C1'"  1 
ATOM   420 N N1     . DC  B 1 6 ? 6.184   -2.154  2.084   1.00 12.21 ? 14 DC  B N1     1 
ATOM   421 C C2     . DC  B 1 6 ? 5.476   -1.950  0.912   1.00 11.82 ? 14 DC  B C2     1 
ATOM   422 O O2     . DC  B 1 6 ? 4.874   -2.881  0.381   1.00 11.83 ? 14 DC  B O2     1 
ATOM   423 N N3     . DC  B 1 6 ? 5.449   -0.704  0.369   1.00 11.75 ? 14 DC  B N3     1 
ATOM   424 C C4     . DC  B 1 6 ? 6.046   0.338   0.968   1.00 11.89 ? 14 DC  B C4     1 
ATOM   425 N N4     . DC  B 1 6 ? 6.048   1.527   0.358   1.00 11.76 ? 14 DC  B N4     1 
ATOM   426 C C5     . DC  B 1 6 ? 6.682   0.188   2.239   1.00 11.92 ? 14 DC  B C5     1 
ATOM   427 C C6     . DC  B 1 6 ? 6.705   -1.086  2.780   1.00 12.12 ? 14 DC  B C6     1 
ATOM   428 H "H5'"  . DC  B 1 6 ? 4.191   -4.910  5.749   1.00 0.00  ? 14 DC  B "H5'"  1 
ATOM   429 H "H5''" . DC  B 1 6 ? 5.755   -5.506  6.255   1.00 0.00  ? 14 DC  B "H5''" 1 
ATOM   430 H "H4'"  . DC  B 1 6 ? 5.293   -6.016  3.706   1.00 0.00  ? 14 DC  B "H4'"  1 
ATOM   431 H "H3'"  . DC  B 1 6 ? 7.789   -5.203  4.979   1.00 0.00  ? 14 DC  B "H3'"  1 
ATOM   432 H "H2'"  . DC  B 1 6 ? 7.780   -3.105  4.135   1.00 0.00  ? 14 DC  B "H2'"  1 
ATOM   433 H "H2''" . DC  B 1 6 ? 8.475   -3.913  2.712   1.00 0.00  ? 14 DC  B "H2''" 1 
ATOM   434 H "H1'"  . DC  B 1 6 ? 6.385   -4.228  1.613   1.00 0.00  ? 14 DC  B "H1'"  1 
ATOM   435 H H41    . DC  B 1 6 ? 5.695   1.575   -0.588  1.00 0.00  ? 14 DC  B H41    1 
ATOM   436 H H42    . DC  B 1 6 ? 6.393   2.357   0.821   1.00 0.00  ? 14 DC  B H42    1 
ATOM   437 H H5     . DC  B 1 6 ? 7.125   1.028   2.742   1.00 0.00  ? 14 DC  B H5     1 
ATOM   438 H H6     . DC  B 1 6 ? 7.132   -1.197  3.756   1.00 0.00  ? 14 DC  B H6     1 
ATOM   439 P P      . DG  B 1 7 ? 7.833   -7.738  3.858   1.00 16.15 ? 15 DG  B P      1 
ATOM   440 O OP1    . DG  B 1 7 ? 6.666   -7.978  4.738   1.00 17.60 ? 15 DG  B OP1    1 
ATOM   441 O OP2    . DG  B 1 7 ? 9.205   -7.902  4.388   1.00 16.02 ? 15 DG  B OP2    1 
ATOM   442 O "O5'"  . DG  B 1 7 ? 7.681   -8.669  2.545   1.00 13.66 ? 15 DG  B "O5'"  1 
ATOM   443 C "C5'"  . DG  B 1 7 ? 6.533   -8.477  1.705   1.00 12.96 ? 15 DG  B "C5'"  1 
ATOM   444 C "C4'"  . DG  B 1 7 ? 6.619   -8.945  0.277   1.00 0.00  ? 15 DG  B "C4'"  1 
ATOM   445 O "O4'"  . DG  B 1 7 ? 7.087   -7.841  -0.493  1.00 0.00  ? 15 DG  B "O4'"  1 
ATOM   446 C "C3'"  . DG  B 1 7 ? 7.523   -10.129 0.115   1.00 0.00  ? 15 DG  B "C3'"  1 
ATOM   447 O "O3'"  . DG  B 1 7 ? 7.030   -11.159 -0.753  1.00 0.00  ? 15 DG  B "O3'"  1 
ATOM   448 C "C2'"  . DG  B 1 7 ? 8.778   -9.404  -0.306  1.00 0.00  ? 15 DG  B "C2'"  1 
ATOM   449 C "C1'"  . DG  B 1 7 ? 8.298   -8.217  -1.111  1.00 0.00  ? 15 DG  B "C1'"  1 
ATOM   450 N N9     . DG  B 1 7 ? 9.132   -7.013  -1.138  1.00 10.97 ? 15 DG  B N9     1 
ATOM   451 C C8     . DG  B 1 7 ? 9.863   -6.432  -0.144  1.00 10.84 ? 15 DG  B C8     1 
ATOM   452 N N7     . DG  B 1 7 ? 10.403  -5.294  -0.477  1.00 10.63 ? 15 DG  B N7     1 
ATOM   453 C C5     . DG  B 1 7 ? 10.044  -5.148  -1.814  1.00 10.19 ? 15 DG  B C5     1 
ATOM   454 C C6     . DG  B 1 7 ? 10.348  -4.112  -2.723  1.00 9.88  ? 15 DG  B C6     1 
ATOM   455 O O6     . DG  B 1 7 ? 11.035  -3.114  -2.522  1.00 9.66  ? 15 DG  B O6     1 
ATOM   456 N N1     . DG  B 1 7 ? 9.755   -4.334  -3.959  1.00 9.39  ? 15 DG  B N1     1 
ATOM   457 C C2     . DG  B 1 7 ? 9.012   -5.449  -4.307  1.00 9.39  ? 15 DG  B C2     1 
ATOM   458 N N2     . DG  B 1 7 ? 8.572   -5.509  -5.566  1.00 9.10  ? 15 DG  B N2     1 
ATOM   459 N N3     . DG  B 1 7 ? 8.741   -6.438  -3.451  1.00 9.91  ? 15 DG  B N3     1 
ATOM   460 C C4     . DG  B 1 7 ? 9.281   -6.206  -2.229  1.00 10.46 ? 15 DG  B C4     1 
ATOM   461 H "H5'"  . DG  B 1 7 ? 6.644   -7.432  1.520   1.00 0.00  ? 15 DG  B "H5'"  1 
ATOM   462 H "H5''" . DG  B 1 7 ? 5.557   -8.649  2.128   1.00 0.00  ? 15 DG  B "H5''" 1 
ATOM   463 H "H4'"  . DG  B 1 7 ? 5.670   -9.260  -0.132  1.00 0.00  ? 15 DG  B "H4'"  1 
ATOM   464 H "H3'"  . DG  B 1 7 ? 7.587   -10.559 1.103   1.00 0.00  ? 15 DG  B "H3'"  1 
ATOM   465 H "H2'"  . DG  B 1 7 ? 9.240   -9.053  0.614   1.00 0.00  ? 15 DG  B "H2'"  1 
ATOM   466 H "H2''" . DG  B 1 7 ? 9.407   -10.050 -0.912  1.00 0.00  ? 15 DG  B "H2''" 1 
ATOM   467 H "H1'"  . DG  B 1 7 ? 8.096   -8.491  -2.123  1.00 0.00  ? 15 DG  B "H1'"  1 
ATOM   468 H H8     . DG  B 1 7 ? 9.968   -6.914  0.826   1.00 0.00  ? 15 DG  B H8     1 
ATOM   469 H H1     . DG  B 1 7 ? 9.887   -3.596  -4.636  1.00 0.00  ? 15 DG  B H1     1 
ATOM   470 H H21    . DG  B 1 7 ? 8.715   -4.708  -6.170  1.00 0.00  ? 15 DG  B H21    1 
ATOM   471 H H22    . DG  B 1 7 ? 8.122   -6.348  -5.908  1.00 0.00  ? 15 DG  B H22    1 
ATOM   472 P P      . DT  B 1 8 ? 8.017   -12.267 -1.382  1.00 0.00  ? 16 DT  B P      1 
ATOM   473 O OP1    . DT  B 1 8 ? 7.226   -13.450 -1.788  1.00 0.00  ? 16 DT  B OP1    1 
ATOM   474 O OP2    . DT  B 1 8 ? 9.209   -12.424 -0.520  1.00 0.00  ? 16 DT  B OP2    1 
ATOM   475 O "O5'"  . DT  B 1 8 ? 8.437   -11.457 -2.704  1.00 0.00  ? 16 DT  B "O5'"  1 
ATOM   476 C "C5'"  . DT  B 1 8 ? 7.402   -11.222 -3.661  1.00 0.00  ? 16 DT  B "C5'"  1 
ATOM   477 C "C4'"  . DT  B 1 8 ? 7.951   -10.696 -4.986  1.00 0.00  ? 16 DT  B "C4'"  1 
ATOM   478 O "O4'"  . DT  B 1 8 ? 8.618   -9.463  -4.713  1.00 0.00  ? 16 DT  B "O4'"  1 
ATOM   479 C "C3'"  . DT  B 1 8 ? 8.946   -11.639 -5.677  1.00 0.00  ? 16 DT  B "C3'"  1 
ATOM   480 O "O3'"  . DT  B 1 8 ? 8.557   -11.834 -7.042  1.00 0.00  ? 16 DT  B "O3'"  1 
ATOM   481 C "C2'"  . DT  B 1 8 ? 10.237  -10.834 -5.617  1.00 0.00  ? 16 DT  B "C2'"  1 
ATOM   482 C "C1'"  . DT  B 1 8 ? 9.782   -9.386  -5.529  1.00 0.00  ? 16 DT  B "C1'"  1 
ATOM   483 N N1     . DT  B 1 8 ? 10.741  -8.527  -4.802  1.00 0.00  ? 16 DT  B N1     1 
ATOM   484 C C2     . DT  B 1 8 ? 11.284  -7.420  -5.434  1.00 0.00  ? 16 DT  B C2     1 
ATOM   485 O O2     . DT  B 1 8 ? 11.093  -7.146  -6.617  1.00 0.00  ? 16 DT  B O2     1 
ATOM   486 N N3     . DT  B 1 8 ? 12.078  -6.615  -4.639  1.00 0.00  ? 16 DT  B N3     1 
ATOM   487 C C4     . DT  B 1 8 ? 12.435  -6.849  -3.324  1.00 0.00  ? 16 DT  B C4     1 
ATOM   488 O O4     . DT  B 1 8 ? 13.139  -6.037  -2.724  1.00 0.00  ? 16 DT  B O4     1 
ATOM   489 C C5     . DT  B 1 8 ? 11.900  -8.082  -2.785  1.00 0.00  ? 16 DT  B C5     1 
ATOM   490 C C7     . DT  B 1 8 ? 12.302  -8.550  -1.387  1.00 0.00  ? 16 DT  B C7     1 
ATOM   491 C C6     . DT  B 1 8 ? 11.056  -8.837  -3.510  1.00 0.00  ? 16 DT  B C6     1 
ATOM   492 H "H5'"  . DT  B 1 8 ? 6.714   -10.464 -3.292  1.00 0.00  ? 16 DT  B "H5'"  1 
ATOM   493 H "H5''" . DT  B 1 8 ? 6.840   -12.157 -3.721  1.00 0.00  ? 16 DT  B "H5''" 1 
ATOM   494 H "H4'"  . DT  B 1 8 ? 7.178   -10.439 -5.706  1.00 0.00  ? 16 DT  B "H4'"  1 
ATOM   495 H "H3'"  . DT  B 1 8 ? 8.988   -12.572 -5.098  1.00 0.00  ? 16 DT  B "H3'"  1 
ATOM   496 H "HO3'" . DT  B 1 8 ? 8.679   -11.002 -7.510  1.00 0.00  ? 16 DT  B "HO3'" 1 
ATOM   497 H "H2'"  . DT  B 1 8 ? 10.751  -11.141 -4.707  1.00 0.00  ? 16 DT  B "H2'"  1 
ATOM   498 H "H2''" . DT  B 1 8 ? 10.896  -10.934 -6.489  1.00 0.00  ? 16 DT  B "H2''" 1 
ATOM   499 H "H1'"  . DT  B 1 8 ? 9.511   -8.998  -6.506  1.00 0.00  ? 16 DT  B "H1'"  1 
ATOM   500 H H3     . DT  B 1 8 ? 12.431  -5.764  -5.051  1.00 0.00  ? 16 DT  B H3     1 
ATOM   501 H H71    . DT  B 1 8 ? 12.822  -9.507  -1.466  1.00 0.00  ? 16 DT  B H71    1 
ATOM   502 H H72    . DT  B 1 8 ? 11.412  -8.668  -0.775  1.00 0.00  ? 16 DT  B H72    1 
ATOM   503 H H73    . DT  B 1 8 ? 12.972  -7.825  -0.921  1.00 0.00  ? 16 DT  B H73    1 
ATOM   504 H H6     . DT  B 1 8 ? 10.588  -9.714  -3.100  1.00 0.00  ? 16 DT  B H6     1 
HETATM 505 C C1     . BDA C 2 . ? -8.385  3.588   -2.614  1.00 13.96 ? 17 BDA A C1     1 
HETATM 506 C C2     . BDA C 2 . ? -9.034  2.635   -3.387  1.00 13.97 ? 17 BDA A C2     1 
HETATM 507 C C3     . BDA C 2 . ? -9.526  1.477   -2.800  1.00 14.21 ? 17 BDA A C3     1 
HETATM 508 C C4     . BDA C 2 . ? -9.392  1.268   -1.425  1.00 14.38 ? 17 BDA A C4     1 
HETATM 509 O O4     . BDA C 2 . ? -9.954  0.190   -0.815  1.00 14.83 ? 17 BDA A O4     1 
HETATM 510 C C5     . BDA C 2 . ? -8.698  2.211   -0.649  1.00 14.09 ? 17 BDA A C5     1 
HETATM 511 C C6     . BDA C 2 . ? -8.385  1.939   0.774   1.00 14.06 ? 17 BDA A C6     1 
HETATM 512 O O6     . BDA C 2 . ? -8.760  0.884   1.306   1.00 14.37 ? 17 BDA A O6     1 
HETATM 513 C C7     . BDA C 2 . ? -7.577  2.902   1.555   1.00 14.05 ? 17 BDA A C7     1 
HETATM 514 C C8     . BDA C 2 . ? -7.199  2.590   2.860   1.00 14.13 ? 17 BDA A C8     1 
HETATM 515 O O8     . BDA C 2 . ? -7.650  1.392   3.511   1.00 14.33 ? 17 BDA A O8     1 
HETATM 516 C C9     . BDA C 2 . ? -6.425  3.474   3.597   1.00 14.51 ? 17 BDA A C9     1 
HETATM 517 C C10    . BDA C 2 . ? -6.022  3.079   5.005   1.00 14.89 ? 17 BDA A C10    1 
HETATM 518 O O10    . BDA C 2 . ? -5.096  1.986   4.948   1.00 15.61 ? 17 BDA A O10    1 
HETATM 519 C C11    . BDA C 2 . ? -5.592  4.243   5.900   1.00 14.96 ? 17 BDA A C11    1 
HETATM 520 C C12    . BDA C 2 . ? -4.609  5.187   5.209   1.00 15.08 ? 17 BDA A C12    1 
HETATM 521 O O12    . BDA C 2 . ? -3.382  4.493   4.960   1.00 15.12 ? 17 BDA A O12    1 
HETATM 522 C C13    . BDA C 2 . ? -4.307  6.376   6.168   1.00 15.57 ? 17 BDA A C13    1 
HETATM 523 O O13    . BDA C 2 . ? -4.686  7.520   5.879   1.00 15.81 ? 17 BDA A O13    1 
HETATM 524 C C14    . BDA C 2 . ? -3.630  6.154   7.514   1.00 16.02 ? 17 BDA A C14    1 
HETATM 525 C C15    . BDA C 2 . ? -5.282  5.740   3.914   1.00 14.78 ? 17 BDA A C15    1 
HETATM 526 C C16    . BDA C 2 . ? -6.043  4.702   3.054   1.00 14.30 ? 17 BDA A C16    1 
HETATM 527 C C17    . BDA C 2 . ? -6.408  5.015   1.744   1.00 14.14 ? 17 BDA A C17    1 
HETATM 528 O O17    . BDA C 2 . ? -6.074  6.305   1.221   1.00 13.84 ? 17 BDA A O17    1 
HETATM 529 C C18    . BDA C 2 . ? -7.155  4.105   0.980   1.00 13.96 ? 17 BDA A C18    1 
HETATM 530 C C19    . BDA C 2 . ? -7.438  4.363   -0.454  1.00 13.96 ? 17 BDA A C19    1 
HETATM 531 O O19    . BDA C 2 . ? -6.986  5.380   -1.013  1.00 14.10 ? 17 BDA A O19    1 
HETATM 532 C C20    . BDA C 2 . ? -8.207  3.380   -1.248  1.00 14.01 ? 17 BDA A C20    1 
HETATM 533 C C21    . BDA C 2 . ? -10.562 -0.874  -1.567  1.00 14.73 ? 17 BDA A C21    1 
HETATM 534 C "C1'"  . BDA C 2 . ? -5.621  0.802   5.588   1.00 16.46 ? 17 BDA A "C1'"  1 
HETATM 535 C "C2'"  . BDA C 2 . ? -4.973  -0.479  5.123   1.00 16.95 ? 17 BDA A "C2'"  1 
HETATM 536 C "C3'"  . BDA C 2 . ? -3.499  -0.359  5.424   1.00 17.47 ? 17 BDA A "C3'"  1 
HETATM 537 N "N3'"  . BDA C 2 . ? -2.927  -1.547  4.906   1.00 17.99 ? 17 BDA A "N3'"  1 
HETATM 538 C "C4'"  . BDA C 2 . ? -3.291  -0.124  6.927   1.00 17.21 ? 17 BDA A "C4'"  1 
HETATM 539 O "O4'"  . BDA C 2 . ? -3.578  -1.274  7.731   1.00 17.28 ? 17 BDA A "O4'"  1 
HETATM 540 C "C5'"  . BDA C 2 . ? -4.095  1.116   7.351   1.00 17.08 ? 17 BDA A "C5'"  1 
HETATM 541 O "O5'"  . BDA C 2 . ? -5.478  0.915   7.013   1.00 16.74 ? 17 BDA A "O5'"  1 
HETATM 542 C "C6'"  . BDA C 2 . ? -3.971  1.446   8.858   1.00 16.96 ? 17 BDA A "C6'"  1 
HETATM 543 C "C7'"  . BDA C 2 . ? -1.523  -1.773  5.084   1.00 20.00 ? 17 BDA A "C7'"  1 
HETATM 544 C "C8'"  . BDA C 2 . ? -1.081  -2.882  4.084   1.00 20.00 ? 17 BDA A "C8'"  1 
HETATM 545 C C9A    . BDA C 2 . ? -1.987  -3.471  3.200   1.00 20.00 ? 17 BDA A C9A    1 
HETATM 546 C C9B    . BDA C 2 . ? 0.256   -3.204  3.981   1.00 20.00 ? 17 BDA A C9B    1 
HETATM 547 C C1B    . BDA C 2 . ? 9.248   1.465   -1.522  1.00 13.96 ? 17 BDA A C1B    1 
HETATM 548 C C2B    . BDA C 2 . ? 9.810   1.912   -0.334  1.00 13.97 ? 17 BDA A C2B    1 
HETATM 549 C C3B    . BDA C 2 . ? 9.957   1.044   0.740   1.00 14.21 ? 17 BDA A C3B    1 
HETATM 550 C C4B    . BDA C 2 . ? 9.559   -0.290  0.631   1.00 14.38 ? 17 BDA A C4B    1 
HETATM 551 O O4B    . BDA C 2 . ? 9.784   -1.181  1.634   1.00 14.83 ? 17 BDA A O4B    1 
HETATM 552 C C5B    . BDA C 2 . ? 8.950   -0.734  -0.556  1.00 14.09 ? 17 BDA A C5B    1 
HETATM 553 C C6B    . BDA C 2 . ? 8.360   -2.090  -0.645  1.00 14.06 ? 17 BDA A C6B    1 
HETATM 554 O "O6'"  . BDA C 2 . ? 8.422   -2.864  0.323   1.00 14.37 ? 17 BDA A "O6'"  1 
HETATM 555 C C7B    . BDA C 2 . ? 7.646   -2.513  -1.870  1.00 14.05 ? 17 BDA A C7B    1 
HETATM 556 C C8B    . BDA C 2 . ? 7.004   -3.749  -1.906  1.00 14.13 ? 17 BDA A C8B    1 
HETATM 557 O "O8'"  . BDA C 2 . ? 7.091   -4.676  -0.813  1.00 14.33 ? 17 BDA A "O8'"  1 
HETATM 558 C "C9'"  . BDA C 2 . ? 6.311   -4.149  -3.041  1.00 14.51 ? 17 BDA A "C9'"  1 
HETATM 559 C "CA'"  . BDA C 2 . ? 5.612   -5.494  -3.022  1.00 14.89 ? 17 BDA A "CA'"  1 
HETATM 560 O "OA'"  . BDA C 2 . ? 4.509   -5.447  -2.108  1.00 15.61 ? 17 BDA A "OA'"  1 
HETATM 561 C "CB'"  . BDA C 2 . ? 5.284   -6.067  -4.403  1.00 14.96 ? 17 BDA A "CB'"  1 
HETATM 562 C "CC'"  . BDA C 2 . ? 4.636   -5.038  -5.331  1.00 15.08 ? 17 BDA A "CC'"  1 
HETATM 563 O "OC'"  . BDA C 2 . ? 3.353   -4.674  -4.812  1.00 15.12 ? 17 BDA A "OC'"  1 
HETATM 564 C "CD'"  . BDA C 2 . ? 4.430   -5.692  -6.732  1.00 15.57 ? 17 BDA A "CD'"  1 
HETATM 565 O "OD'"  . BDA C 2 . ? 5.075   -5.284  -7.708  1.00 15.81 ? 17 BDA A "OD'"  1 
HETATM 566 C "CE'"  . BDA C 2 . ? 3.512   -6.897  -6.925  1.00 16.02 ? 17 BDA A "CE'"  1 
HETATM 567 C "CF'"  . BDA C 2 . ? 5.606   -3.822  -5.479  1.00 14.78 ? 17 BDA A "CF'"  1 
HETATM 568 C "CG'"  . BDA C 2 . ? 6.279   -3.332  -4.173  1.00 14.30 ? 17 BDA A "CG'"  1 
HETATM 569 C "CH'"  . BDA C 2 . ? 6.911   -2.089  -4.140  1.00 14.14 ? 17 BDA A "CH'"  1 
HETATM 570 O "OH'"  . BDA C 2 . ? 6.933   -1.290  -5.329  1.00 13.84 ? 17 BDA A "OH'"  1 
HETATM 571 C "CI'"  . BDA C 2 . ? 7.575   -1.661  -2.978  1.00 13.96 ? 17 BDA A "CI'"  1 
HETATM 572 C "CJ'"  . BDA C 2 . ? 8.135   -0.292  -2.879  1.00 13.96 ? 17 BDA A "CJ'"  1 
HETATM 573 O "OJ'"  . BDA C 2 . ? 7.996   0.516   -3.816  1.00 14.10 ? 17 BDA A "OJ'"  1 
HETATM 574 C "CK'"  . BDA C 2 . ? 8.810   0.146   -1.638  1.00 14.01 ? 17 BDA A "CK'"  1 
HETATM 575 C "CL'"  . BDA C 2 . ? 10.280  -0.765  2.918   1.00 14.73 ? 17 BDA A "CL'"  1 
HETATM 576 C C1D    . BDA C 2 . ? 4.672   -6.378  -1.015  1.00 16.46 ? 17 BDA A C1D    1 
HETATM 577 C C2D    . BDA C 2 . ? 3.865   -6.025  0.209   1.00 16.95 ? 17 BDA A C2D    1 
HETATM 578 C C3D    . BDA C 2 . ? 2.415   -5.996  -0.209  1.00 17.47 ? 17 BDA A C3D    1 
HETATM 579 N N3D    . BDA C 2 . ? 1.709   -5.594  0.950   1.00 17.99 ? 17 BDA A N3D    1 
HETATM 580 C C4D    . BDA C 2 . ? 2.014   -7.360  -0.789  1.00 17.21 ? 17 BDA A C4D    1 
HETATM 581 O O4D    . BDA C 2 . ? 1.929   -8.395  0.197   1.00 17.28 ? 17 BDA A O4D    1 
HETATM 582 C C5D    . BDA C 2 . ? 2.966   -7.716  -1.944  1.00 17.08 ? 17 BDA A C5D    1 
HETATM 583 O O5D    . BDA C 2 . ? 4.319   -7.704  -1.451  1.00 16.74 ? 17 BDA A O5D    1 
HETATM 584 C C6D    . BDA C 2 . ? 2.640   -9.083  -2.604  1.00 16.96 ? 17 BDA A C6D    1 
HETATM 585 C C7D    . BDA C 2 . ? 0.277   -5.524  0.895   1.00 20.00 ? 17 BDA A C7D    1 
HETATM 586 C C8D    . BDA C 2 . ? -0.208  -4.663  2.098   1.00 20.00 ? 17 BDA A C8D    1 
HETATM 587 C C1A    . BDA C 2 . ? -1.547  -4.350  2.210   1.00 20.00 ? 17 BDA A C1A    1 
HETATM 588 C C1C    . BDA C 2 . ? 0.695   -4.095  3.002   1.00 20.00 ? 17 BDA A C1C    1 
HETATM 589 H H1     . BDA C 2 . ? -8.026  4.479   -3.087  1.00 0.00  ? 17 BDA A H1     1 
HETATM 590 H H2     . BDA C 2 . ? -9.154  2.795   -4.435  1.00 0.00  ? 17 BDA A H2     1 
HETATM 591 H H3     . BDA C 2 . ? -10.005 0.752   -3.424  1.00 0.00  ? 17 BDA A H3     1 
HETATM 592 H HO8    . BDA C 2 . ? -8.608  1.394   3.473   1.00 0.00  ? 17 BDA A HO8    1 
HETATM 593 H H10    . BDA C 2 . ? -6.914  2.659   5.452   1.00 0.00  ? 17 BDA A H10    1 
HETATM 594 H H111   . BDA C 2 . ? -5.064  3.793   6.739   1.00 0.00  ? 17 BDA A H111   1 
HETATM 595 H H112   . BDA C 2 . ? -6.488  4.768   6.233   1.00 0.00  ? 17 BDA A H112   1 
HETATM 596 H H12    . BDA C 2 . ? -3.297  4.398   4.002   1.00 0.00  ? 17 BDA A H12    1 
HETATM 597 H H141   . BDA C 2 . ? -2.653  5.698   7.373   1.00 0.00  ? 17 BDA A H141   1 
HETATM 598 H H142   . BDA C 2 . ? -4.257  5.531   8.151   1.00 0.00  ? 17 BDA A H142   1 
HETATM 599 H H143   . BDA C 2 . ? -3.506  7.129   7.988   1.00 0.00  ? 17 BDA A H143   1 
HETATM 600 H H151   . BDA C 2 . ? -4.527  6.227   3.310   1.00 0.00  ? 17 BDA A H151   1 
HETATM 601 H H152   . BDA C 2 . ? -5.992  6.529   4.169   1.00 0.00  ? 17 BDA A H152   1 
HETATM 602 H H17    . BDA C 2 . ? -6.340  6.237   0.300   1.00 0.00  ? 17 BDA A H17    1 
HETATM 603 H H211   . BDA C 2 . ? -9.830  -1.333  -2.232  1.00 0.00  ? 17 BDA A H211   1 
HETATM 604 H H212   . BDA C 2 . ? -11.407 -0.499  -2.144  1.00 0.00  ? 17 BDA A H212   1 
HETATM 605 H H213   . BDA C 2 . ? -10.923 -1.626  -0.865  1.00 0.00  ? 17 BDA A H213   1 
HETATM 606 H H1B    . BDA C 2 . ? -6.657  0.693   5.321   1.00 0.00  ? 17 BDA A H1B    1 
HETATM 607 H "H2'1" . BDA C 2 . ? -5.151  -0.671  4.059   1.00 0.00  ? 17 BDA A "H2'1" 1 
HETATM 608 H "H2'2" . BDA C 2 . ? -5.321  -1.329  5.717   1.00 0.00  ? 17 BDA A "H2'2" 1 
HETATM 609 H H3B    . BDA C 2 . ? -3.072  0.474   4.876   1.00 0.00  ? 17 BDA A H3B    1 
HETATM 610 H "HN'1" . BDA C 2 . ? -3.121  -1.459  3.888   1.00 0.00  ? 17 BDA A "HN'1" 1 
HETATM 611 H "HN'2" . BDA C 2 . ? -3.429  -2.377  5.290   1.00 0.00  ? 17 BDA A "HN'2" 1 
HETATM 612 H "H4'"  . BDA C 2 . ? -2.255  0.154   7.033   1.00 0.00  ? 17 BDA A "H4'"  1 
HETATM 613 H "HO4'" . BDA C 2 . ? -4.531  -1.386  7.709   1.00 0.00  ? 17 BDA A "HO4'" 1 
HETATM 614 H "H5'"  . BDA C 2 . ? -3.733  1.921   6.691   1.00 0.00  ? 17 BDA A "H5'"  1 
HETATM 615 H "H6'1" . BDA C 2 . ? -4.374  0.628   9.461   1.00 0.00  ? 17 BDA A "H6'1" 1 
HETATM 616 H "H6'2" . BDA C 2 . ? -4.545  2.341   9.105   1.00 0.00  ? 17 BDA A "H6'2" 1 
HETATM 617 H "H6'3" . BDA C 2 . ? -2.934  1.604   9.148   1.00 0.00  ? 17 BDA A "H6'3" 1 
HETATM 618 H "H7'1" . BDA C 2 . ? -1.380  -2.098  6.114   1.00 0.00  ? 17 BDA A "H7'1" 1 
HETATM 619 H "H7'2" . BDA C 2 . ? -0.948  -0.845  5.005   1.00 0.00  ? 17 BDA A "H7'2" 1 
HETATM 620 H H9A    . BDA C 2 . ? -3.018  -3.217  3.279   1.00 0.00  ? 17 BDA A H9A    1 
HETATM 621 H H9B    . BDA C 2 . ? 0.888   -2.720  4.675   1.00 0.00  ? 17 BDA A H9B    1 
HETATM 622 H "H1'"  . BDA C 2 . ? 9.158   2.150   -2.341  1.00 0.00  ? 17 BDA A "H1'"  1 
HETATM 623 H "H2'"  . BDA C 2 . ? 10.131  2.927   -0.249  1.00 0.00  ? 17 BDA A "H2'"  1 
HETATM 624 H "H3'"  . BDA C 2 . ? 10.374  1.422   1.649   1.00 0.00  ? 17 BDA A "H3'"  1 
HETATM 625 H "HO8'" . BDA C 2 . ? 8.022   -4.832  -0.650  1.00 0.00  ? 17 BDA A "HO8'" 1 
HETATM 626 H "H10'" . BDA C 2 . ? 6.315   -6.178  -2.564  1.00 0.00  ? 17 BDA A "H10'" 1 
HETATM 627 H "HL'1" . BDA C 2 . ? 4.546   -6.849  -4.233  1.00 0.00  ? 17 BDA A "HL'1" 1 
HETATM 628 H "HL'2" . BDA C 2 . ? 6.201   -6.474  -4.830  1.00 0.00  ? 17 BDA A "HL'2" 1 
HETATM 629 H "H12'" . BDA C 2 . ? 3.410   -3.750  -4.534  1.00 0.00  ? 17 BDA A "H12'" 1 
HETATM 630 H "HK'1" . BDA C 2 . ? 2.496   -6.652  -6.627  1.00 0.00  ? 17 BDA A "HK'1" 1 
HETATM 631 H "HK'2" . BDA C 2 . ? 3.886   -7.752  -6.364  1.00 0.00  ? 17 BDA A "HK'2" 1 
HETATM 632 H "HK'3" . BDA C 2 . ? 3.514   -7.156  -7.986  1.00 0.00  ? 17 BDA A "HK'3" 1 
HETATM 633 H "HJ'1" . BDA C 2 . ? 5.067   -2.999  -5.934  1.00 0.00  ? 17 BDA A "HJ'1" 1 
HETATM 634 H "HJ'2" . BDA C 2 . ? 6.410   -4.071  -6.177  1.00 0.00  ? 17 BDA A "HJ'2" 1 
HETATM 635 H "H17'" . BDA C 2 . ? 7.328   -0.468  -5.025  1.00 0.00  ? 17 BDA A "H17'" 1 
HETATM 636 H "HI'1" . BDA C 2 . ? 9.589   -0.059  3.380   1.00 0.00  ? 17 BDA A "HI'1" 1 
HETATM 637 H "HI'2" . BDA C 2 . ? 11.267  -0.312  2.816   1.00 0.00  ? 17 BDA A "HI'2" 1 
HETATM 638 H "HI'3" . BDA C 2 . ? 10.362  -1.646  3.554   1.00 0.00  ? 17 BDA A "HI'3" 1 
HETATM 639 H H1D    . BDA C 2 . ? 5.694   -6.347  -0.673  1.00 0.00  ? 17 BDA A H1D    1 
HETATM 640 H H2B    . BDA C 2 . ? 4.174   -5.068  0.647   1.00 0.00  ? 17 BDA A H2B    1 
HETATM 641 H H2D    . BDA C 2 . ? 3.935   -6.817  0.960   1.00 0.00  ? 17 BDA A H2D    1 
HETATM 642 H H3D    . BDA C 2 . ? 2.253   -5.218  -0.944  1.00 0.00  ? 17 BDA A H3D    1 
HETATM 643 H HNB    . BDA C 2 . ? 2.081   -4.635  1.108   1.00 0.00  ? 17 BDA A HNB    1 
HETATM 644 H HND    . BDA C 2 . ? 1.965   -6.209  1.751   1.00 0.00  ? 17 BDA A HND    1 
HETATM 645 H H4D    . BDA C 2 . ? 1.052   -7.206  -1.245  1.00 0.00  ? 17 BDA A H4D    1 
HETATM 646 H HO4A   . BDA C 2 . ? 2.829   -8.586  0.467   1.00 0.00  ? 17 BDA A HO4A   1 
HETATM 647 H H5D    . BDA C 2 . ? 2.891   -6.862  -2.638  1.00 0.00  ? 17 BDA A H5D    1 
HETATM 648 H H6B    . BDA C 2 . ? 2.748   -9.898  -1.884  1.00 0.00  ? 17 BDA A H6B    1 
HETATM 649 H H6D    . BDA C 2 . ? 3.317   -9.291  -3.434  1.00 0.00  ? 17 BDA A H6D    1 
HETATM 650 H H6E    . BDA C 2 . ? 1.618   -9.124  -2.987  1.00 0.00  ? 17 BDA A H6E    1 
HETATM 651 H H7B    . BDA C 2 . ? -0.096  -6.544  0.970   1.00 0.00  ? 17 BDA A H7B    1 
HETATM 652 H H7D    . BDA C 2 . ? -0.080  -5.176  -0.081  1.00 0.00  ? 17 BDA A H7D    1 
HETATM 653 H "H9A'" . BDA C 2 . ? -2.174  -4.808  1.494   1.00 0.00  ? 17 BDA A "H9A'" 1 
HETATM 654 H "H9B'" . BDA C 2 . ? 1.729   -4.333  2.913   1.00 0.00  ? 17 BDA A "H9B'" 1 
# 
